data_3UTZ
#
_entry.id   3UTZ
#
_cell.length_a   83.095
_cell.length_b   108.369
_cell.length_c   86.466
_cell.angle_alpha   90.00
_cell.angle_beta   111.91
_cell.angle_gamma   90.00
#
_symmetry.space_group_name_H-M   'P 1 21 1'
#
loop_
_entity.id
_entity.type
_entity.pdbx_description
1 polymer 'Metalloproteinase, light chain'
2 polymer 'Metalloproteinase, heavy chain'
3 non-polymer 'SULFATE ION'
4 water water
#
loop_
_entity_poly.entity_id
_entity_poly.type
_entity_poly.pdbx_seq_one_letter_code
_entity_poly.pdbx_strand_id
1 'polypeptide(L)'
;DVLMTQTPLSLPVSLGDQASISCRSSQSIVHSNGNTFLEWYLQKPGQSPKLLIYKVSNRFSGVPDRFSGSGSGTDFTLKI
SRVEAEDLGVYYCFQASHVPPTFGSGTKLEIKRTVAAPSVFIFPPSDEQLKSGTASVVCLLNNFYPREAKVQWKVDNALQ
SGNSQESVTEQDSKDSTYSLSSTLTLSKADYEKHKVYACEVTHQGLSSPVTKSFNRGEC
;
A,D,E
2 'polypeptide(L)'
;EVKLVESGGGLVKPGGSLKLSCAASGFAFSTYDMSWIRQTPEKRLEWVATISSGGSYTYYPDSVKGRFTISKDNARNTLY
LQMSSLRSGDTALYYCTRFRYDGWYFDVWGQGTTVTVSSASTKGPSVFPLAPSSKSTSGGTAALGCLVKDYFPEPVTVSW
NSGALTSGVHTFPAVLQSSGLYSLSSVVTVPSSSLGTQTYICNVNHKPSNTKVDKRVEPKSCDKT
;
B,C,F
#
# COMPACT_ATOMS: atom_id res chain seq x y z
N VAL A 2 -22.38 -18.79 19.35
CA VAL A 2 -23.26 -17.71 19.93
C VAL A 2 -23.91 -16.95 18.79
N LEU A 3 -25.13 -17.34 18.41
CA LEU A 3 -25.90 -16.69 17.34
C LEU A 3 -26.51 -15.39 17.83
N MET A 4 -26.39 -14.34 17.04
CA MET A 4 -26.95 -13.04 17.39
C MET A 4 -27.99 -12.80 16.33
N THR A 5 -29.19 -12.43 16.77
CA THR A 5 -30.29 -12.30 15.84
C THR A 5 -30.88 -10.92 16.06
N GLN A 6 -31.13 -10.24 14.96
CA GLN A 6 -31.50 -8.82 14.96
C GLN A 6 -32.90 -8.63 14.44
N THR A 7 -33.63 -7.67 14.99
CA THR A 7 -34.93 -7.30 14.41
C THR A 7 -35.17 -5.83 14.63
N PRO A 8 -35.81 -5.17 13.69
CA PRO A 8 -36.24 -5.75 12.43
C PRO A 8 -35.05 -5.95 11.51
N LEU A 9 -35.29 -6.54 10.35
CA LEU A 9 -34.24 -6.78 9.38
C LEU A 9 -34.02 -5.50 8.62
N SER A 10 -35.05 -4.68 8.57
CA SER A 10 -34.98 -3.36 7.96
C SER A 10 -36.04 -2.45 8.66
N LEU A 11 -35.78 -1.15 8.69
CA LEU A 11 -36.41 -0.22 9.59
C LEU A 11 -36.48 1.12 8.90
N PRO A 12 -37.63 1.39 8.24
CA PRO A 12 -37.92 2.72 7.76
C PRO A 12 -38.24 3.63 8.95
N VAL A 13 -37.71 4.84 8.92
CA VAL A 13 -37.90 5.85 9.95
C VAL A 13 -37.76 7.23 9.30
N SER A 14 -38.58 8.18 9.79
CA SER A 14 -38.55 9.52 9.26
C SER A 14 -37.53 10.31 10.04
N LEU A 15 -36.97 11.34 9.39
CA LEU A 15 -36.01 12.23 10.03
C LEU A 15 -36.60 12.81 11.32
N GLY A 16 -35.77 12.94 12.34
CA GLY A 16 -36.24 13.45 13.62
C GLY A 16 -36.85 12.39 14.50
N ASP A 17 -37.38 11.31 13.92
CA ASP A 17 -37.95 10.25 14.74
C ASP A 17 -36.87 9.37 15.43
N GLN A 18 -37.33 8.43 16.26
CA GLN A 18 -36.49 7.46 16.95
C GLN A 18 -36.48 6.10 16.24
N ALA A 19 -35.30 5.46 16.12
CA ALA A 19 -35.22 4.09 15.61
C ALA A 19 -34.76 3.14 16.69
N SER A 20 -35.31 1.96 16.71
CA SER A 20 -35.00 1.01 17.76
C SER A 20 -34.68 -0.29 17.11
N ILE A 21 -33.49 -0.82 17.42
CA ILE A 21 -33.03 -2.09 16.85
C ILE A 21 -32.71 -3.07 17.97
N SER A 22 -33.06 -4.33 17.80
CA SER A 22 -32.88 -5.28 18.88
C SER A 22 -31.93 -6.42 18.55
N CYS A 23 -31.16 -6.86 19.54
CA CYS A 23 -30.23 -7.97 19.34
C CYS A 23 -30.38 -9.07 20.43
N ARG A 24 -30.75 -10.29 20.04
CA ARG A 24 -30.81 -11.42 21.00
C ARG A 24 -29.71 -12.47 20.82
N SER A 25 -29.01 -12.81 21.89
CA SER A 25 -28.01 -13.86 21.82
C SER A 25 -28.52 -15.31 22.14
N SER A 26 -27.84 -16.30 21.57
CA SER A 26 -28.08 -17.74 21.81
C SER A 26 -27.93 -18.11 23.27
N GLN A 27 -26.76 -17.85 23.84
CA GLN A 27 -26.53 -18.09 25.26
C GLN A 27 -26.28 -16.73 25.83
N SER A 28 -25.89 -16.67 27.10
CA SER A 28 -25.58 -15.39 27.73
C SER A 28 -24.24 -14.95 27.22
N ILE A 29 -24.09 -13.64 27.09
CA ILE A 29 -22.82 -13.04 26.70
C ILE A 29 -22.15 -12.28 27.86
N VAL A 30 -22.22 -12.82 29.05
CA VAL A 30 -21.38 -12.27 30.05
C VAL A 30 -20.09 -13.03 29.97
N HIS A 31 -18.99 -12.32 30.05
CA HIS A 31 -17.72 -12.97 30.12
C HIS A 31 -17.45 -13.06 31.56
N SER A 32 -16.85 -14.14 31.97
CA SER A 32 -16.77 -14.42 33.37
C SER A 32 -15.62 -13.49 33.63
N ASN A 33 -15.90 -12.19 33.59
CA ASN A 33 -15.17 -11.11 34.24
C ASN A 33 -16.08 -10.02 34.75
N GLY A 34 -17.37 -10.15 34.48
CA GLY A 34 -18.36 -9.18 34.90
C GLY A 34 -18.92 -8.39 33.74
N ASN A 35 -18.03 -7.76 33.01
CA ASN A 35 -18.35 -7.09 31.78
C ASN A 35 -19.04 -7.95 30.82
N THR A 36 -19.85 -7.36 29.99
CA THR A 36 -20.44 -8.09 28.88
C THR A 36 -20.01 -7.35 27.59
N PHE A 37 -19.30 -8.05 26.71
CA PHE A 37 -18.70 -7.38 25.55
C PHE A 37 -19.62 -7.33 24.30
N LEU A 38 -20.69 -6.54 24.41
CA LEU A 38 -21.67 -6.37 23.34
C LEU A 38 -21.54 -5.00 22.71
N GLU A 39 -21.55 -4.99 21.38
CA GLU A 39 -21.09 -3.83 20.60
C GLU A 39 -21.98 -3.64 19.39
N TRP A 40 -22.12 -2.38 18.99
CA TRP A 40 -22.94 -1.98 17.84
C TRP A 40 -22.03 -1.33 16.81
N TYR A 41 -22.09 -1.80 15.56
CA TYR A 41 -21.41 -1.17 14.41
C TYR A 41 -22.39 -0.64 13.35
N LEU A 42 -22.03 0.46 12.70
CA LEU A 42 -22.74 0.96 11.55
C LEU A 42 -21.80 0.94 10.31
N GLN A 43 -22.28 0.34 9.23
CA GLN A 43 -21.59 0.34 7.96
C GLN A 43 -22.36 1.23 6.96
N LYS A 44 -21.90 2.44 6.74
CA LYS A 44 -22.53 3.30 5.75
C LYS A 44 -22.11 2.83 4.32
N PRO A 45 -22.91 3.19 3.29
CA PRO A 45 -22.71 2.75 1.88
C PRO A 45 -21.34 3.08 1.43
N GLY A 46 -20.67 2.12 0.81
CA GLY A 46 -19.26 2.33 0.45
C GLY A 46 -18.20 2.46 1.53
N GLN A 47 -18.57 2.26 2.80
CA GLN A 47 -17.57 2.52 3.86
C GLN A 47 -17.36 1.25 4.63
N SER A 48 -16.31 1.22 5.43
CA SER A 48 -16.08 0.18 6.41
C SER A 48 -17.09 0.28 7.54
N PRO A 49 -17.29 -0.83 8.30
CA PRO A 49 -18.09 -0.68 9.53
C PRO A 49 -17.36 0.27 10.50
N LYS A 50 -18.12 0.98 11.31
CA LYS A 50 -17.53 1.88 12.27
C LYS A 50 -18.24 1.69 13.65
N LEU A 51 -17.44 1.73 14.72
CA LEU A 51 -17.83 1.41 16.09
C LEU A 51 -18.71 2.50 16.63
N LEU A 52 -19.84 2.13 17.23
CA LEU A 52 -20.75 3.13 17.83
C LEU A 52 -20.80 2.99 19.34
N ILE A 53 -21.01 1.76 19.81
CA ILE A 53 -21.24 1.43 21.24
C ILE A 53 -20.43 0.19 21.62
N TYR A 54 -19.92 0.15 22.84
CA TYR A 54 -19.28 -1.02 23.31
C TYR A 54 -19.63 -1.28 24.75
N LYS A 55 -19.47 -2.52 25.16
CA LYS A 55 -19.81 -2.87 26.51
C LYS A 55 -21.18 -2.35 26.78
N VAL A 56 -22.11 -2.68 25.89
CA VAL A 56 -23.52 -2.36 26.01
C VAL A 56 -23.97 -0.93 25.85
N SER A 57 -23.39 0.00 26.58
CA SER A 57 -23.97 1.31 26.59
C SER A 57 -22.98 2.39 26.47
N ASN A 58 -21.74 2.02 26.30
CA ASN A 58 -20.69 3.00 26.20
C ASN A 58 -20.50 3.52 24.78
N ARG A 59 -20.73 4.81 24.61
CA ARG A 59 -20.51 5.48 23.34
C ARG A 59 -19.02 5.52 23.03
N PHE A 60 -18.65 5.17 21.82
CA PHE A 60 -17.23 5.30 21.44
C PHE A 60 -16.98 6.74 21.12
N SER A 61 -15.77 7.22 21.38
CA SER A 61 -15.48 8.62 21.20
C SER A 61 -15.96 9.09 19.82
N GLY A 62 -16.50 10.31 19.78
CA GLY A 62 -17.00 10.92 18.55
C GLY A 62 -18.46 10.61 18.26
N VAL A 63 -19.02 9.62 18.93
CA VAL A 63 -20.37 9.15 18.57
C VAL A 63 -21.43 10.04 19.20
N PRO A 64 -22.31 10.65 18.38
CA PRO A 64 -23.30 11.58 18.88
C PRO A 64 -24.11 11.01 19.99
N ASP A 65 -24.68 11.89 20.78
CA ASP A 65 -25.41 11.52 21.98
C ASP A 65 -26.78 10.94 21.64
N ARG A 66 -27.18 11.12 20.38
CA ARG A 66 -28.34 10.46 19.80
C ARG A 66 -28.33 8.93 19.84
N PHE A 67 -27.18 8.30 20.06
CA PHE A 67 -27.13 6.82 20.00
C PHE A 67 -27.01 6.24 21.39
N SER A 68 -27.89 5.29 21.73
CA SER A 68 -27.68 4.63 23.00
C SER A 68 -27.92 3.14 22.97
N GLY A 69 -27.27 2.49 23.91
CA GLY A 69 -27.35 1.06 24.07
C GLY A 69 -27.93 0.77 25.45
N SER A 70 -28.60 -0.36 25.55
CA SER A 70 -29.04 -0.92 26.80
C SER A 70 -29.23 -2.38 26.54
N GLY A 71 -29.44 -3.11 27.63
CA GLY A 71 -29.86 -4.50 27.56
C GLY A 71 -29.18 -5.32 28.62
N SER A 72 -29.74 -6.50 28.88
CA SER A 72 -29.22 -7.42 29.88
C SER A 72 -28.96 -8.80 29.29
N GLY A 73 -27.77 -9.31 29.60
CA GLY A 73 -27.48 -10.74 29.50
C GLY A 73 -27.86 -11.51 28.25
N THR A 74 -29.15 -11.46 27.85
CA THR A 74 -29.61 -12.08 26.59
C THR A 74 -30.24 -11.11 25.56
N ASP A 75 -30.63 -9.90 25.99
CA ASP A 75 -31.45 -9.01 25.15
C ASP A 75 -30.89 -7.61 25.13
N PHE A 76 -30.58 -7.11 23.93
CA PHE A 76 -29.91 -5.82 23.78
C PHE A 76 -30.59 -4.91 22.75
N THR A 77 -30.63 -3.63 23.06
CA THR A 77 -31.30 -2.67 22.20
C THR A 77 -30.37 -1.51 21.89
N LEU A 78 -30.39 -1.06 20.63
CA LEU A 78 -29.79 0.26 20.26
C LEU A 78 -30.90 1.19 19.87
N LYS A 79 -30.83 2.43 20.31
CA LYS A 79 -31.88 3.36 20.00
C LYS A 79 -31.25 4.55 19.37
N ILE A 80 -31.93 5.12 18.38
CA ILE A 80 -31.40 6.27 17.66
C ILE A 80 -32.48 7.31 17.64
N SER A 81 -32.26 8.33 18.45
CA SER A 81 -33.20 9.41 18.57
C SER A 81 -32.85 10.43 17.49
N ARG A 82 -33.78 11.34 17.21
CA ARG A 82 -33.52 12.38 16.21
C ARG A 82 -32.62 11.84 15.06
N VAL A 83 -33.15 10.87 14.31
CA VAL A 83 -32.44 10.20 13.21
C VAL A 83 -32.14 11.23 12.16
N GLU A 84 -30.90 11.28 11.70
CA GLU A 84 -30.54 12.14 10.55
C GLU A 84 -30.21 11.28 9.32
N ALA A 85 -30.29 11.88 8.14
CA ALA A 85 -30.11 11.16 6.90
C ALA A 85 -28.71 10.47 6.89
N GLU A 86 -27.72 11.11 7.47
CA GLU A 86 -26.39 10.51 7.50
C GLU A 86 -26.26 9.22 8.36
N ASP A 87 -27.33 8.88 9.08
CA ASP A 87 -27.42 7.65 9.88
C ASP A 87 -27.85 6.36 9.15
N LEU A 88 -28.22 6.49 7.88
CA LEU A 88 -28.67 5.33 7.13
C LEU A 88 -27.49 4.39 6.81
N GLY A 89 -27.79 3.11 6.73
CA GLY A 89 -26.84 2.07 6.35
C GLY A 89 -27.22 0.84 7.15
N VAL A 90 -26.24 -0.05 7.38
CA VAL A 90 -26.45 -1.29 8.12
C VAL A 90 -25.78 -1.28 9.51
N TYR A 91 -26.62 -1.55 10.50
CA TYR A 91 -26.21 -1.55 11.89
C TYR A 91 -26.03 -2.96 12.24
N TYR A 92 -24.93 -3.28 12.92
CA TYR A 92 -24.64 -4.67 13.31
C TYR A 92 -24.35 -4.77 14.76
N CYS A 93 -24.87 -5.83 15.41
CA CYS A 93 -24.41 -6.10 16.78
C CYS A 93 -23.35 -7.14 16.74
N PHE A 94 -22.65 -7.27 17.86
CA PHE A 94 -21.44 -8.02 17.88
C PHE A 94 -21.07 -8.34 19.31
N GLN A 95 -20.54 -9.54 19.44
CA GLN A 95 -20.30 -10.22 20.69
C GLN A 95 -18.83 -10.72 20.64
N ALA A 96 -17.98 -10.21 21.52
CA ALA A 96 -16.66 -10.83 21.78
C ALA A 96 -16.58 -11.40 23.22
N SER A 97 -17.74 -11.65 23.83
CA SER A 97 -17.73 -12.28 25.17
C SER A 97 -17.19 -13.70 25.10
N HIS A 98 -17.70 -14.53 24.21
CA HIS A 98 -17.25 -15.91 24.11
C HIS A 98 -16.74 -16.23 22.73
N VAL A 99 -15.61 -16.95 22.67
CA VAL A 99 -14.94 -17.26 21.41
C VAL A 99 -15.63 -18.40 20.67
N PRO A 100 -15.76 -18.31 19.31
CA PRO A 100 -15.34 -17.23 18.36
C PRO A 100 -16.20 -15.96 18.47
N PRO A 101 -15.60 -14.74 18.40
CA PRO A 101 -16.47 -13.52 18.40
C PRO A 101 -17.45 -13.55 17.22
N THR A 102 -18.69 -13.10 17.39
CA THR A 102 -19.65 -13.15 16.26
C THR A 102 -20.51 -11.88 16.14
N PHE A 103 -21.05 -11.68 14.94
CA PHE A 103 -21.79 -10.50 14.51
C PHE A 103 -23.20 -10.97 14.22
N GLY A 104 -24.20 -10.16 14.56
CA GLY A 104 -25.53 -10.43 14.00
C GLY A 104 -25.55 -10.15 12.51
N SER A 105 -26.63 -10.56 11.82
CA SER A 105 -26.72 -10.48 10.35
C SER A 105 -27.02 -9.07 9.79
N GLY A 106 -27.29 -8.09 10.65
CA GLY A 106 -27.49 -6.68 10.26
C GLY A 106 -28.93 -6.16 10.19
N THR A 107 -29.13 -4.87 10.41
CA THR A 107 -30.44 -4.23 10.20
C THR A 107 -30.27 -2.99 9.32
N LYS A 108 -30.93 -2.93 8.18
CA LYS A 108 -30.92 -1.73 7.35
C LYS A 108 -31.83 -0.54 7.79
N LEU A 109 -31.20 0.55 8.20
CA LEU A 109 -31.88 1.79 8.43
C LEU A 109 -32.17 2.52 7.11
N GLU A 110 -33.45 2.82 6.90
CA GLU A 110 -33.94 3.40 5.67
C GLU A 110 -34.61 4.73 6.07
N ILE A 111 -34.28 5.80 5.35
CA ILE A 111 -34.83 7.13 5.62
C ILE A 111 -36.11 7.26 4.85
N LYS A 112 -37.23 7.42 5.56
CA LYS A 112 -38.53 7.67 4.93
C LYS A 112 -38.50 9.15 4.51
N ARG A 113 -38.98 9.43 3.30
CA ARG A 113 -39.13 10.82 2.83
C ARG A 113 -40.36 10.83 1.88
N THR A 114 -40.65 11.95 1.24
CA THR A 114 -41.81 12.06 0.36
C THR A 114 -41.57 11.34 -0.98
N VAL A 115 -42.57 10.67 -1.52
CA VAL A 115 -42.42 10.26 -2.91
C VAL A 115 -41.76 11.30 -3.78
N ALA A 116 -41.03 10.77 -4.75
CA ALA A 116 -40.34 11.54 -5.75
C ALA A 116 -40.37 10.61 -6.97
N ALA A 117 -41.07 11.00 -8.03
CA ALA A 117 -40.89 10.35 -9.37
C ALA A 117 -39.42 10.41 -9.85
N PRO A 118 -38.93 9.35 -10.53
CA PRO A 118 -37.64 9.45 -11.20
C PRO A 118 -37.58 10.37 -12.44
N SER A 119 -36.41 10.95 -12.65
CA SER A 119 -35.96 11.42 -13.97
C SER A 119 -35.40 10.28 -14.82
N VAL A 120 -36.09 10.04 -15.92
CA VAL A 120 -35.86 8.92 -16.80
C VAL A 120 -35.12 9.32 -18.07
N PHE A 121 -33.97 8.71 -18.32
CA PHE A 121 -33.18 8.92 -19.54
C PHE A 121 -32.88 7.59 -20.21
N ILE A 122 -32.86 7.58 -21.53
CA ILE A 122 -32.40 6.46 -22.35
C ILE A 122 -31.06 6.73 -23.09
N PHE A 123 -30.23 5.70 -23.30
CA PHE A 123 -28.99 5.78 -24.09
C PHE A 123 -29.02 4.60 -25.04
N PRO A 124 -29.05 4.90 -26.36
CA PRO A 124 -28.82 4.00 -27.48
C PRO A 124 -27.46 3.36 -27.28
N PRO A 125 -27.19 2.21 -27.97
CA PRO A 125 -25.83 1.65 -28.04
C PRO A 125 -24.82 2.64 -28.57
N SER A 126 -23.57 2.48 -28.19
CA SER A 126 -22.50 3.23 -28.81
C SER A 126 -22.04 2.55 -30.10
N ASP A 127 -21.67 3.39 -31.06
CA ASP A 127 -21.24 2.90 -32.36
C ASP A 127 -20.10 1.94 -32.05
N GLU A 128 -19.23 2.37 -31.13
CA GLU A 128 -18.09 1.56 -30.71
C GLU A 128 -18.50 0.12 -30.36
N GLN A 129 -19.53 -0.05 -29.52
CA GLN A 129 -20.02 -1.41 -29.10
C GLN A 129 -20.54 -2.23 -30.28
N LEU A 130 -21.26 -1.56 -31.17
CA LEU A 130 -21.81 -2.21 -32.33
C LEU A 130 -20.68 -2.88 -33.11
N LYS A 131 -19.65 -2.09 -33.39
CA LYS A 131 -18.54 -2.54 -34.22
C LYS A 131 -18.03 -3.85 -33.68
N SER A 132 -18.22 -4.06 -32.37
CA SER A 132 -17.76 -5.29 -31.72
C SER A 132 -18.78 -6.46 -31.72
N GLY A 133 -20.01 -6.25 -32.21
CA GLY A 133 -21.00 -7.37 -32.29
C GLY A 133 -22.25 -7.39 -31.39
N THR A 134 -22.30 -6.46 -30.42
CA THR A 134 -23.39 -6.43 -29.42
C THR A 134 -24.03 -5.06 -29.34
N ALA A 135 -25.26 -4.99 -28.81
CA ALA A 135 -25.89 -3.69 -28.61
C ALA A 135 -26.53 -3.60 -27.23
N SER A 136 -26.04 -2.66 -26.39
CA SER A 136 -26.71 -2.38 -25.09
C SER A 136 -27.50 -1.08 -25.06
N VAL A 137 -28.76 -1.15 -24.68
CA VAL A 137 -29.55 0.05 -24.54
C VAL A 137 -29.70 0.27 -23.04
N VAL A 138 -29.34 1.48 -22.58
CA VAL A 138 -29.39 1.78 -21.13
C VAL A 138 -30.57 2.68 -20.75
N CYS A 139 -31.25 2.33 -19.67
CA CYS A 139 -32.31 3.17 -19.15
C CYS A 139 -31.98 3.55 -17.71
N LEU A 140 -31.95 4.86 -17.48
CA LEU A 140 -31.64 5.41 -16.16
C LEU A 140 -32.86 6.07 -15.52
N LEU A 141 -33.17 5.67 -14.29
CA LEU A 141 -34.19 6.26 -13.47
C LEU A 141 -33.36 6.90 -12.38
N ASN A 142 -33.42 8.23 -12.31
CA ASN A 142 -32.56 8.97 -11.39
C ASN A 142 -33.35 9.56 -10.19
N ASN A 143 -32.84 9.31 -8.98
CA ASN A 143 -33.28 9.95 -7.71
C ASN A 143 -34.78 9.97 -7.40
N PHE A 144 -35.28 8.82 -7.01
CA PHE A 144 -36.69 8.67 -6.83
C PHE A 144 -36.93 8.04 -5.49
N TYR A 145 -38.19 8.05 -5.07
CA TYR A 145 -38.60 7.41 -3.83
C TYR A 145 -40.06 7.04 -3.91
N PRO A 146 -40.43 5.88 -3.39
CA PRO A 146 -39.68 4.80 -2.74
C PRO A 146 -38.80 3.95 -3.70
N ARG A 147 -38.18 2.92 -3.15
CA ARG A 147 -37.16 2.14 -3.88
C ARG A 147 -37.87 1.33 -5.01
N GLU A 148 -39.10 0.86 -4.78
CA GLU A 148 -39.85 0.09 -5.82
C GLU A 148 -40.01 0.82 -7.16
N ALA A 149 -39.43 0.27 -8.22
CA ALA A 149 -39.74 0.80 -9.56
C ALA A 149 -39.94 -0.32 -10.58
N LYS A 150 -40.87 -0.14 -11.51
CA LYS A 150 -41.07 -1.14 -12.54
C LYS A 150 -40.55 -0.60 -13.88
N VAL A 151 -39.62 -1.33 -14.51
CA VAL A 151 -39.08 -0.94 -15.85
C VAL A 151 -39.36 -1.99 -16.94
N GLN A 152 -40.18 -1.62 -17.91
CA GLN A 152 -40.49 -2.48 -19.07
C GLN A 152 -39.74 -2.01 -20.33
N TRP A 153 -39.03 -2.91 -20.97
CA TRP A 153 -38.35 -2.61 -22.21
C TRP A 153 -39.21 -3.06 -23.39
N LYS A 154 -39.37 -2.17 -24.36
CA LYS A 154 -40.16 -2.45 -25.57
C LYS A 154 -39.29 -2.18 -26.80
N VAL A 155 -39.31 -3.11 -27.74
CA VAL A 155 -38.65 -3.03 -29.04
C VAL A 155 -39.78 -3.22 -30.04
N ASP A 156 -39.92 -2.24 -30.94
CA ASP A 156 -41.12 -2.06 -31.76
C ASP A 156 -42.44 -2.43 -31.05
N ASN A 157 -42.64 -1.85 -29.86
CA ASN A 157 -43.78 -2.19 -29.01
C ASN A 157 -43.89 -3.64 -28.50
N ALA A 158 -42.96 -4.52 -28.84
CA ALA A 158 -43.01 -5.85 -28.23
C ALA A 158 -42.34 -5.86 -26.85
N LEU A 159 -43.11 -6.19 -25.83
CA LEU A 159 -42.57 -6.37 -24.49
C LEU A 159 -41.45 -7.37 -24.60
N GLN A 160 -40.36 -7.06 -23.90
CA GLN A 160 -39.14 -7.89 -23.88
C GLN A 160 -39.02 -8.61 -22.55
N SER A 161 -38.51 -9.85 -22.59
CA SER A 161 -38.12 -10.53 -21.37
C SER A 161 -36.90 -11.40 -21.51
N GLY A 162 -36.19 -11.53 -20.39
CA GLY A 162 -35.05 -12.42 -20.29
C GLY A 162 -33.78 -11.84 -20.84
N ASN A 163 -33.86 -10.61 -21.36
CA ASN A 163 -32.72 -10.01 -22.02
C ASN A 163 -32.38 -8.61 -21.45
N SER A 164 -32.55 -8.44 -20.15
CA SER A 164 -32.08 -7.25 -19.48
C SER A 164 -31.67 -7.49 -18.00
N GLN A 165 -30.80 -6.61 -17.49
CA GLN A 165 -30.43 -6.58 -16.10
C GLN A 165 -30.59 -5.18 -15.47
N GLU A 166 -30.61 -5.15 -14.14
CA GLU A 166 -31.04 -3.98 -13.41
C GLU A 166 -30.25 -4.04 -12.16
N SER A 167 -29.69 -2.91 -11.77
CA SER A 167 -29.37 -2.68 -10.39
C SER A 167 -29.80 -1.28 -9.84
N VAL A 168 -29.90 -1.20 -8.51
CA VAL A 168 -30.34 -0.03 -7.75
C VAL A 168 -29.24 0.32 -6.78
N THR A 169 -28.92 1.59 -6.67
CA THR A 169 -28.04 2.13 -5.64
C THR A 169 -28.64 1.94 -4.24
N GLU A 170 -27.80 1.93 -3.20
CA GLU A 170 -28.22 2.07 -1.84
C GLU A 170 -28.85 3.47 -1.69
N GLN A 171 -29.55 3.69 -0.60
CA GLN A 171 -30.13 5.00 -0.35
C GLN A 171 -29.05 6.07 -0.27
N ASP A 172 -29.34 7.22 -0.88
CA ASP A 172 -28.42 8.35 -0.90
C ASP A 172 -28.67 9.27 0.31
N SER A 173 -27.58 9.70 0.95
CA SER A 173 -27.62 10.50 2.19
C SER A 173 -27.99 11.98 2.03
N LYS A 174 -27.59 12.60 0.94
CA LYS A 174 -28.00 13.96 0.65
C LYS A 174 -29.54 14.12 0.54
N ASP A 175 -30.24 13.22 -0.15
CA ASP A 175 -31.68 13.46 -0.30
C ASP A 175 -32.56 12.27 -0.07
N SER A 176 -31.97 11.18 0.43
CA SER A 176 -32.73 9.97 0.72
C SER A 176 -33.42 9.29 -0.47
N THR A 177 -32.89 9.45 -1.68
CA THR A 177 -33.45 8.76 -2.83
C THR A 177 -32.57 7.57 -3.33
N TYR A 178 -33.14 6.85 -4.29
CA TYR A 178 -32.47 5.75 -4.99
C TYR A 178 -32.28 6.15 -6.45
N SER A 179 -31.34 5.48 -7.10
CA SER A 179 -31.27 5.49 -8.57
C SER A 179 -31.25 4.07 -9.15
N LEU A 180 -31.69 3.90 -10.41
CA LEU A 180 -31.76 2.58 -11.02
C LEU A 180 -31.28 2.66 -12.48
N SER A 181 -30.38 1.72 -12.81
CA SER A 181 -29.93 1.47 -14.21
C SER A 181 -30.44 0.11 -14.64
N SER A 182 -31.10 0.07 -15.80
CA SER A 182 -31.51 -1.18 -16.48
C SER A 182 -30.95 -1.19 -17.89
N THR A 183 -30.31 -2.31 -18.25
CA THR A 183 -29.66 -2.52 -19.54
C THR A 183 -30.39 -3.59 -20.35
N LEU A 184 -30.78 -3.25 -21.57
CA LEU A 184 -31.27 -4.23 -22.51
C LEU A 184 -30.10 -4.62 -23.46
N THR A 185 -29.77 -5.91 -23.47
CA THR A 185 -28.66 -6.42 -24.27
C THR A 185 -29.19 -7.24 -25.44
N LEU A 186 -28.80 -6.86 -26.65
CA LEU A 186 -29.29 -7.49 -27.87
C LEU A 186 -28.13 -7.79 -28.80
N SER A 187 -28.40 -8.62 -29.81
CA SER A 187 -27.42 -8.88 -30.86
C SER A 187 -27.36 -7.63 -31.72
N LYS A 188 -26.18 -7.30 -32.22
CA LYS A 188 -26.05 -6.30 -33.30
C LYS A 188 -27.17 -6.56 -34.34
N ALA A 189 -27.22 -7.79 -34.84
CA ALA A 189 -28.27 -8.29 -35.72
C ALA A 189 -29.72 -7.95 -35.28
N ASP A 190 -30.09 -8.31 -34.05
CA ASP A 190 -31.46 -8.04 -33.56
C ASP A 190 -31.64 -6.55 -33.42
N TYR A 191 -30.58 -5.86 -32.99
CA TYR A 191 -30.65 -4.41 -32.85
C TYR A 191 -30.96 -3.77 -34.19
N GLU A 192 -30.26 -4.23 -35.23
CA GLU A 192 -30.40 -3.67 -36.59
C GLU A 192 -31.76 -3.84 -37.24
N LYS A 193 -32.45 -4.96 -36.93
CA LYS A 193 -33.78 -5.27 -37.50
C LYS A 193 -34.95 -4.39 -37.02
N HIS A 194 -34.79 -3.70 -35.88
CA HIS A 194 -35.91 -2.94 -35.29
C HIS A 194 -35.76 -1.43 -35.21
N LYS A 195 -36.88 -0.74 -35.01
CA LYS A 195 -36.92 0.72 -35.11
C LYS A 195 -37.06 1.46 -33.78
N VAL A 196 -37.96 0.98 -32.93
CA VAL A 196 -38.41 1.79 -31.81
C VAL A 196 -37.93 1.15 -30.50
N TYR A 197 -37.04 1.83 -29.78
CA TYR A 197 -36.50 1.33 -28.50
C TYR A 197 -37.04 2.15 -27.34
N ALA A 198 -37.88 1.52 -26.54
CA ALA A 198 -38.57 2.22 -25.49
C ALA A 198 -38.35 1.58 -24.16
N CYS A 199 -38.25 2.44 -23.15
CA CYS A 199 -38.15 2.08 -21.77
C CYS A 199 -39.38 2.71 -21.05
N GLU A 200 -40.22 1.91 -20.39
CA GLU A 200 -41.44 2.47 -19.83
C GLU A 200 -41.44 2.22 -18.34
N VAL A 201 -41.69 3.27 -17.57
CA VAL A 201 -41.44 3.23 -16.13
C VAL A 201 -42.72 3.40 -15.33
N THR A 202 -42.96 2.45 -14.43
CA THR A 202 -44.06 2.55 -13.55
C THR A 202 -43.49 2.92 -12.19
N HIS A 203 -44.09 3.91 -11.55
CA HIS A 203 -43.65 4.36 -10.20
C HIS A 203 -44.76 5.11 -9.40
N GLN A 204 -44.66 5.01 -8.08
CA GLN A 204 -45.64 5.50 -7.10
C GLN A 204 -45.85 7.00 -7.22
N GLY A 205 -44.85 7.70 -7.75
CA GLY A 205 -44.87 9.14 -7.91
C GLY A 205 -45.29 9.60 -9.29
N LEU A 206 -45.68 8.67 -10.16
CA LEU A 206 -46.21 9.05 -11.48
C LEU A 206 -47.63 8.58 -11.54
N SER A 207 -48.53 9.50 -11.89
CA SER A 207 -49.99 9.17 -12.00
C SER A 207 -50.23 8.10 -13.08
N SER A 208 -49.45 8.16 -14.15
CA SER A 208 -49.47 7.15 -15.22
C SER A 208 -48.03 7.00 -15.82
N PRO A 209 -47.76 5.89 -16.55
CA PRO A 209 -46.37 5.63 -16.99
C PRO A 209 -45.73 6.66 -17.88
N VAL A 210 -44.41 6.81 -17.71
CA VAL A 210 -43.56 7.59 -18.59
C VAL A 210 -42.71 6.67 -19.45
N THR A 211 -42.74 6.96 -20.75
CA THR A 211 -42.03 6.19 -21.74
C THR A 211 -41.04 7.13 -22.36
N LYS A 212 -39.80 6.72 -22.36
CA LYS A 212 -38.78 7.46 -23.05
C LYS A 212 -38.32 6.51 -24.17
N SER A 213 -38.20 7.07 -25.36
CA SER A 213 -37.84 6.26 -26.51
C SER A 213 -36.90 6.99 -27.41
N PHE A 214 -36.31 6.25 -28.32
CA PHE A 214 -35.49 6.82 -29.38
C PHE A 214 -35.66 5.91 -30.59
N ASN A 215 -35.39 6.47 -31.77
CA ASN A 215 -35.46 5.72 -33.04
C ASN A 215 -34.08 5.52 -33.58
N ARG A 216 -33.74 4.26 -33.86
CA ARG A 216 -32.44 3.92 -34.45
C ARG A 216 -32.22 4.64 -35.80
N GLU B 1 -2.51 10.61 12.68
CA GLU B 1 -3.93 10.08 12.64
C GLU B 1 -3.85 8.60 12.31
N VAL B 2 -4.76 7.81 12.85
CA VAL B 2 -4.62 6.37 12.81
C VAL B 2 -5.21 5.83 11.50
N LYS B 3 -4.50 4.92 10.84
CA LYS B 3 -4.95 4.37 9.55
C LYS B 3 -4.51 2.97 9.37
N LEU B 4 -5.34 2.24 8.65
CA LEU B 4 -4.95 0.94 8.09
C LEU B 4 -5.27 0.87 6.61
N VAL B 5 -4.28 0.47 5.83
CA VAL B 5 -4.43 0.42 4.36
C VAL B 5 -4.07 -1.00 3.88
N GLU B 6 -5.02 -1.67 3.25
CA GLU B 6 -4.86 -3.06 2.85
C GLU B 6 -4.52 -3.19 1.39
N SER B 7 -3.88 -4.30 1.01
CA SER B 7 -3.54 -4.64 -0.38
C SER B 7 -3.45 -6.16 -0.52
N GLY B 8 -3.29 -6.68 -1.74
CA GLY B 8 -2.99 -8.11 -2.00
C GLY B 8 -4.21 -8.90 -2.48
N GLY B 9 -5.38 -8.32 -2.39
CA GLY B 9 -6.52 -9.10 -2.81
C GLY B 9 -6.44 -9.42 -4.29
N GLY B 10 -7.22 -10.41 -4.72
CA GLY B 10 -7.44 -10.58 -6.16
C GLY B 10 -8.04 -11.96 -6.44
N LEU B 11 -7.82 -12.41 -7.66
CA LEU B 11 -8.42 -13.61 -8.15
C LEU B 11 -7.43 -14.69 -7.94
N VAL B 12 -7.88 -15.82 -7.36
CA VAL B 12 -7.06 -17.04 -7.15
C VAL B 12 -7.92 -18.32 -7.40
N LYS B 13 -7.28 -19.37 -7.95
CA LYS B 13 -7.89 -20.69 -8.16
C LYS B 13 -8.18 -21.49 -6.89
N PRO B 14 -9.22 -22.36 -6.93
CA PRO B 14 -9.49 -23.17 -5.76
C PRO B 14 -8.23 -23.99 -5.41
N GLY B 15 -7.97 -24.13 -4.12
CA GLY B 15 -6.73 -24.78 -3.67
C GLY B 15 -5.47 -23.99 -3.94
N GLY B 16 -5.60 -22.71 -4.27
CA GLY B 16 -4.45 -21.84 -4.35
C GLY B 16 -4.16 -21.11 -3.06
N SER B 17 -3.24 -20.16 -3.11
CA SER B 17 -2.87 -19.43 -1.92
C SER B 17 -2.66 -17.97 -2.29
N LEU B 18 -2.58 -17.12 -1.28
CA LEU B 18 -2.58 -15.68 -1.48
C LEU B 18 -2.30 -15.02 -0.17
N LYS B 19 -1.55 -13.95 -0.18
CA LYS B 19 -1.24 -13.31 1.09
C LYS B 19 -1.77 -11.87 1.08
N LEU B 20 -2.52 -11.48 2.13
CA LEU B 20 -3.08 -10.11 2.25
C LEU B 20 -2.14 -9.30 3.13
N SER B 21 -2.10 -7.99 2.95
CA SER B 21 -1.20 -7.18 3.76
C SER B 21 -1.97 -5.96 4.19
N CYS B 22 -1.63 -5.41 5.33
CA CYS B 22 -2.36 -4.33 5.89
C CYS B 22 -1.32 -3.41 6.57
N ALA B 23 -1.02 -2.29 5.91
CA ALA B 23 -0.04 -1.29 6.38
C ALA B 23 -0.68 -0.36 7.43
N ALA B 24 -0.19 -0.36 8.66
CA ALA B 24 -0.72 0.50 9.69
C ALA B 24 0.09 1.78 9.78
N SER B 25 -0.55 2.87 10.14
CA SER B 25 0.23 4.07 10.44
C SER B 25 -0.44 4.87 11.52
N GLY B 26 0.35 5.60 12.26
CA GLY B 26 -0.24 6.58 13.16
C GLY B 26 -0.34 6.09 14.61
N PHE B 27 0.04 4.84 14.89
CA PHE B 27 -0.02 4.36 16.27
C PHE B 27 1.07 3.31 16.63
N ALA B 28 1.19 2.92 17.92
CA ALA B 28 2.20 1.93 18.31
C ALA B 28 1.69 0.55 17.97
N PHE B 29 1.81 0.19 16.71
CA PHE B 29 1.22 -1.01 16.19
C PHE B 29 1.50 -2.27 17.02
N SER B 30 2.74 -2.43 17.44
CA SER B 30 3.11 -3.70 18.02
C SER B 30 2.63 -3.79 19.48
N THR B 31 1.97 -2.76 20.00
CA THR B 31 1.32 -2.90 21.27
C THR B 31 -0.18 -3.27 21.19
N TYR B 32 -0.77 -3.52 20.00
CA TYR B 32 -2.17 -4.03 19.97
C TYR B 32 -2.32 -5.40 19.39
N ASP B 33 -3.33 -6.13 19.83
CA ASP B 33 -3.80 -7.28 19.11
C ASP B 33 -4.54 -6.76 17.84
N MET B 34 -4.50 -7.55 16.78
CA MET B 34 -5.01 -7.15 15.48
C MET B 34 -5.74 -8.34 14.94
N SER B 35 -6.78 -8.08 14.16
CA SER B 35 -7.58 -9.12 13.54
C SER B 35 -7.86 -8.88 12.04
N TRP B 36 -8.38 -9.93 11.43
CA TRP B 36 -8.98 -9.89 10.13
C TRP B 36 -10.43 -10.34 10.28
N ILE B 37 -11.31 -9.61 9.59
CA ILE B 37 -12.74 -9.86 9.52
C ILE B 37 -13.09 -9.90 8.02
N ARG B 38 -13.90 -10.87 7.57
CA ARG B 38 -14.35 -10.84 6.22
C ARG B 38 -15.85 -10.54 6.10
N GLN B 39 -16.27 -9.99 4.95
CA GLN B 39 -17.63 -9.64 4.71
C GLN B 39 -18.01 -10.38 3.47
N THR B 40 -18.90 -11.34 3.59
CA THR B 40 -19.33 -12.16 2.48
C THR B 40 -20.16 -11.40 1.49
N PRO B 41 -20.47 -12.00 0.39
CA PRO B 41 -21.30 -11.33 -0.58
C PRO B 41 -22.70 -11.03 -0.09
N GLU B 42 -23.21 -11.75 0.89
CA GLU B 42 -24.55 -11.47 1.41
C GLU B 42 -24.55 -10.36 2.45
N LYS B 43 -23.39 -9.76 2.62
CA LYS B 43 -23.03 -8.78 3.65
C LYS B 43 -22.92 -9.30 5.09
N ARG B 44 -22.69 -10.58 5.27
CA ARG B 44 -22.42 -11.08 6.65
C ARG B 44 -20.99 -10.82 7.07
N LEU B 45 -20.83 -10.42 8.32
CA LEU B 45 -19.51 -10.17 8.85
C LEU B 45 -19.06 -11.40 9.61
N GLU B 46 -17.86 -11.92 9.31
CA GLU B 46 -17.27 -13.06 10.02
C GLU B 46 -15.81 -12.81 10.42
N TRP B 47 -15.50 -13.08 11.67
CA TRP B 47 -14.17 -13.05 12.23
C TRP B 47 -13.33 -14.15 11.67
N VAL B 48 -12.10 -13.82 11.29
CA VAL B 48 -11.32 -14.79 10.63
C VAL B 48 -9.99 -15.08 11.38
N ALA B 49 -9.44 -14.09 12.09
CA ALA B 49 -8.15 -14.35 12.73
C ALA B 49 -7.84 -13.22 13.63
N THR B 50 -7.08 -13.54 14.67
CA THR B 50 -6.59 -12.54 15.65
C THR B 50 -5.17 -12.94 16.08
N ILE B 51 -4.32 -11.95 16.34
CA ILE B 51 -2.94 -12.21 16.76
C ILE B 51 -2.69 -11.27 17.95
N SER B 52 -2.05 -11.77 19.00
CA SER B 52 -1.80 -10.95 20.19
C SER B 52 -0.73 -9.95 19.83
N SER B 53 -0.60 -8.90 20.63
CA SER B 53 0.48 -7.95 20.45
C SER B 53 1.88 -8.65 20.49
N GLY B 54 2.11 -9.54 21.47
CA GLY B 54 3.34 -10.34 21.51
C GLY B 54 3.62 -11.22 20.30
N GLY B 55 2.61 -11.48 19.48
CA GLY B 55 2.77 -12.40 18.36
C GLY B 55 2.73 -13.85 18.82
N SER B 56 2.54 -14.06 20.12
CA SER B 56 2.68 -15.38 20.74
C SER B 56 1.43 -16.27 20.53
N TYR B 57 0.26 -15.66 20.60
CA TYR B 57 -0.93 -16.43 20.40
C TYR B 57 -1.56 -16.05 19.07
N THR B 58 -2.13 -17.05 18.40
CA THR B 58 -2.95 -16.82 17.26
C THR B 58 -4.19 -17.65 17.36
N TYR B 59 -5.29 -17.03 16.95
CA TYR B 59 -6.62 -17.52 17.16
C TYR B 59 -7.37 -17.44 15.83
N TYR B 60 -8.01 -18.55 15.48
CA TYR B 60 -8.70 -18.73 14.22
C TYR B 60 -10.02 -19.47 14.46
N PRO B 61 -11.02 -19.23 13.60
CA PRO B 61 -12.20 -20.04 13.71
C PRO B 61 -12.04 -21.38 12.98
N ASP B 62 -12.92 -22.31 13.27
CA ASP B 62 -12.78 -23.65 12.75
C ASP B 62 -12.77 -23.74 11.19
N SER B 63 -13.58 -22.94 10.49
CA SER B 63 -13.60 -22.92 9.01
C SER B 63 -12.26 -22.58 8.33
N VAL B 64 -11.39 -21.92 9.09
CA VAL B 64 -10.15 -21.37 8.56
C VAL B 64 -8.90 -22.10 9.15
N LYS B 65 -9.03 -22.63 10.37
CA LYS B 65 -7.91 -23.30 11.06
C LYS B 65 -7.18 -24.30 10.17
N GLY B 66 -5.85 -24.22 10.18
CA GLY B 66 -5.03 -25.13 9.42
C GLY B 66 -4.73 -24.60 8.05
N ARG B 67 -5.51 -23.62 7.57
CA ARG B 67 -5.34 -23.07 6.23
C ARG B 67 -4.78 -21.62 6.24
N PHE B 68 -5.18 -20.80 7.22
CA PHE B 68 -4.85 -19.41 7.21
C PHE B 68 -3.80 -19.13 8.29
N THR B 69 -2.84 -18.24 7.99
CA THR B 69 -1.90 -17.83 9.05
C THR B 69 -1.94 -16.30 9.16
N ILE B 70 -2.25 -15.77 10.33
CA ILE B 70 -2.08 -14.36 10.61
C ILE B 70 -0.65 -14.17 11.14
N SER B 71 0.04 -13.13 10.68
CA SER B 71 1.37 -12.76 11.18
C SER B 71 1.59 -11.24 11.11
N LYS B 72 2.65 -10.74 11.75
CA LYS B 72 2.92 -9.31 11.72
C LYS B 72 4.38 -8.96 11.60
N ASP B 73 4.65 -7.84 10.93
CA ASP B 73 6.01 -7.35 10.82
C ASP B 73 6.07 -6.06 11.63
N ASN B 74 6.78 -6.09 12.73
CA ASN B 74 6.86 -5.01 13.69
C ASN B 74 7.79 -3.84 13.35
N ALA B 75 8.73 -4.07 12.49
CA ALA B 75 9.58 -3.03 12.02
C ALA B 75 8.85 -2.18 11.02
N ARG B 76 7.97 -2.82 10.29
CA ARG B 76 7.24 -2.13 9.26
C ARG B 76 5.79 -1.89 9.62
N ASN B 77 5.39 -2.29 10.82
CA ASN B 77 4.03 -2.16 11.29
C ASN B 77 2.99 -2.66 10.29
N THR B 78 3.21 -3.84 9.78
CA THR B 78 2.32 -4.42 8.76
C THR B 78 1.76 -5.74 9.21
N LEU B 79 0.47 -5.93 8.94
CA LEU B 79 -0.28 -7.12 9.34
C LEU B 79 -0.50 -7.91 8.09
N TYR B 80 -0.54 -9.23 8.20
CA TYR B 80 -0.66 -10.20 7.12
C TYR B 80 -1.60 -11.30 7.48
N LEU B 81 -2.23 -11.81 6.42
CA LEU B 81 -2.98 -13.03 6.48
C LEU B 81 -2.53 -13.89 5.32
N GLN B 82 -1.83 -14.99 5.61
CA GLN B 82 -1.49 -15.92 4.57
C GLN B 82 -2.69 -16.86 4.47
N MET B 83 -3.23 -17.00 3.26
CA MET B 83 -4.38 -17.88 2.99
C MET B 83 -3.95 -18.95 2.03
N SER B 84 -4.19 -20.21 2.37
CA SER B 84 -3.79 -21.34 1.52
C SER B 84 -4.93 -22.35 1.43
N SER B 85 -4.82 -23.29 0.47
CA SER B 85 -5.92 -24.15 0.10
C SER B 85 -7.23 -23.40 0.07
N LEU B 86 -7.30 -22.37 -0.75
CA LEU B 86 -8.52 -21.56 -0.81
C LEU B 86 -9.70 -22.35 -1.34
N ARG B 87 -10.86 -22.08 -0.75
CA ARG B 87 -12.12 -22.61 -1.28
C ARG B 87 -13.06 -21.51 -1.77
N SER B 88 -14.05 -21.91 -2.56
CA SER B 88 -15.11 -21.04 -2.96
C SER B 88 -15.72 -20.16 -1.85
N GLY B 89 -15.85 -20.72 -0.67
CA GLY B 89 -16.44 -20.04 0.48
C GLY B 89 -15.54 -18.96 1.10
N ASP B 90 -14.31 -18.82 0.57
CA ASP B 90 -13.34 -17.88 1.10
C ASP B 90 -13.48 -16.51 0.38
N THR B 91 -14.29 -16.50 -0.68
CA THR B 91 -14.46 -15.29 -1.42
C THR B 91 -15.27 -14.25 -0.68
N ALA B 92 -14.71 -13.04 -0.60
CA ALA B 92 -15.22 -12.10 0.35
C ALA B 92 -14.40 -10.83 0.27
N LEU B 93 -14.86 -9.76 0.92
CA LEU B 93 -14.03 -8.58 1.20
C LEU B 93 -13.30 -8.84 2.52
N TYR B 94 -12.00 -8.64 2.58
CA TYR B 94 -11.28 -8.85 3.86
C TYR B 94 -10.84 -7.54 4.49
N TYR B 95 -11.15 -7.35 5.76
CA TYR B 95 -10.78 -6.14 6.44
C TYR B 95 -9.79 -6.48 7.52
N CYS B 96 -8.79 -5.61 7.77
CA CYS B 96 -7.99 -5.70 9.00
C CYS B 96 -8.56 -4.68 10.00
N THR B 97 -8.28 -4.93 11.27
CA THR B 97 -8.87 -4.16 12.35
C THR B 97 -7.97 -4.22 13.57
N ARG B 98 -7.95 -3.12 14.32
CA ARG B 98 -7.27 -3.04 15.60
C ARG B 98 -8.27 -3.37 16.71
N PHE B 99 -7.93 -4.36 17.50
CA PHE B 99 -8.78 -4.89 18.56
C PHE B 99 -8.31 -4.27 19.83
N ARG B 100 -8.85 -3.13 20.26
CA ARG B 100 -8.50 -2.51 21.55
C ARG B 100 -8.68 -3.52 22.71
N TYR B 101 -7.72 -3.55 23.63
CA TYR B 101 -7.78 -4.43 24.78
C TYR B 101 -8.80 -4.08 25.86
N ASP B 102 -9.09 -2.83 26.13
CA ASP B 102 -10.04 -2.55 27.19
C ASP B 102 -11.43 -2.23 26.73
N GLY B 103 -12.17 -3.26 26.40
CA GLY B 103 -13.46 -3.05 25.82
C GLY B 103 -13.52 -4.14 24.81
N TRP B 104 -12.36 -4.58 24.39
CA TRP B 104 -12.31 -5.63 23.33
C TRP B 104 -13.18 -5.25 22.08
N TYR B 105 -12.87 -4.09 21.50
CA TYR B 105 -13.62 -3.61 20.38
C TYR B 105 -12.71 -3.32 19.18
N PHE B 106 -13.32 -3.21 18.00
CA PHE B 106 -12.51 -2.97 16.78
C PHE B 106 -12.63 -1.50 16.48
N ASP B 107 -11.64 -0.71 16.78
CA ASP B 107 -11.89 0.72 16.67
C ASP B 107 -11.30 1.32 15.41
N VAL B 108 -10.36 0.64 14.74
CA VAL B 108 -9.96 1.17 13.42
C VAL B 108 -10.04 0.01 12.47
N TRP B 109 -10.53 0.31 11.28
CA TRP B 109 -10.75 -0.64 10.20
C TRP B 109 -10.03 -0.14 8.96
N GLY B 110 -9.49 -1.10 8.22
CA GLY B 110 -9.00 -0.99 6.85
C GLY B 110 -10.11 -0.63 5.90
N GLN B 111 -9.73 -0.39 4.63
CA GLN B 111 -10.78 -0.07 3.61
C GLN B 111 -11.31 -1.36 2.93
N GLY B 112 -10.62 -2.46 3.15
CA GLY B 112 -10.98 -3.70 2.51
C GLY B 112 -10.27 -4.03 1.23
N THR B 113 -10.09 -5.31 1.02
CA THR B 113 -9.52 -5.85 -0.18
C THR B 113 -10.30 -7.11 -0.50
N THR B 114 -10.59 -7.33 -1.76
CA THR B 114 -11.45 -8.43 -2.06
C THR B 114 -10.74 -9.63 -2.66
N VAL B 115 -11.09 -10.79 -2.17
CA VAL B 115 -10.55 -12.04 -2.64
C VAL B 115 -11.61 -12.85 -3.35
N THR B 116 -11.32 -13.30 -4.55
CA THR B 116 -12.22 -14.12 -5.31
C THR B 116 -11.55 -15.46 -5.65
N VAL B 117 -12.09 -16.54 -5.13
CA VAL B 117 -11.56 -17.89 -5.35
C VAL B 117 -12.43 -18.51 -6.45
N SER B 118 -11.86 -18.74 -7.61
CA SER B 118 -12.64 -19.18 -8.80
C SER B 118 -11.75 -19.87 -9.79
N SER B 119 -12.37 -20.75 -10.60
CA SER B 119 -11.68 -21.56 -11.59
C SER B 119 -11.51 -20.82 -12.89
N ALA B 120 -12.29 -19.76 -13.08
CA ALA B 120 -12.34 -19.09 -14.35
C ALA B 120 -11.20 -18.07 -14.47
N SER B 121 -10.76 -17.76 -15.69
CA SER B 121 -9.68 -16.82 -15.88
C SER B 121 -10.23 -15.38 -15.80
N THR B 122 -9.37 -14.38 -15.54
CA THR B 122 -9.79 -12.98 -15.49
C THR B 122 -10.16 -12.62 -16.90
N LYS B 123 -11.04 -11.63 -17.00
CA LYS B 123 -11.44 -11.06 -18.25
C LYS B 123 -11.65 -9.58 -18.01
N GLY B 124 -10.94 -8.74 -18.77
CA GLY B 124 -11.06 -7.30 -18.67
C GLY B 124 -12.24 -6.74 -19.41
N PRO B 125 -12.84 -5.67 -18.86
CA PRO B 125 -14.04 -5.11 -19.38
C PRO B 125 -13.80 -4.33 -20.67
N SER B 126 -14.87 -4.13 -21.44
CA SER B 126 -14.91 -3.08 -22.44
C SER B 126 -15.58 -1.89 -21.80
N VAL B 127 -15.13 -0.69 -22.17
CA VAL B 127 -15.68 0.53 -21.68
C VAL B 127 -16.30 1.34 -22.81
N PHE B 128 -17.63 1.52 -22.77
CA PHE B 128 -18.43 2.24 -23.77
C PHE B 128 -19.16 3.48 -23.18
N PRO B 129 -19.19 4.59 -23.93
CA PRO B 129 -19.76 5.83 -23.40
C PRO B 129 -21.28 5.85 -23.44
N LEU B 130 -21.93 6.60 -22.56
CA LEU B 130 -23.38 6.78 -22.59
C LEU B 130 -23.58 8.28 -22.82
N ALA B 131 -23.56 8.65 -24.09
CA ALA B 131 -23.53 10.04 -24.51
C ALA B 131 -24.77 10.84 -24.10
N PRO B 132 -24.55 12.07 -23.61
CA PRO B 132 -25.66 12.99 -23.35
C PRO B 132 -26.35 13.39 -24.67
N SER B 133 -27.69 13.45 -24.66
CA SER B 133 -28.48 13.88 -25.84
C SER B 133 -29.78 14.61 -25.44
N SER B 134 -30.63 14.94 -26.42
CA SER B 134 -31.98 15.39 -26.08
C SER B 134 -32.80 14.27 -25.42
N LYS B 135 -32.26 13.03 -25.47
CA LYS B 135 -32.89 11.84 -24.86
C LYS B 135 -32.47 11.54 -23.39
N SER B 136 -31.36 12.15 -22.99
CA SER B 136 -30.97 12.20 -21.59
C SER B 136 -31.03 13.63 -21.02
N THR B 137 -32.00 14.43 -21.49
CA THR B 137 -32.20 15.82 -21.01
C THR B 137 -33.54 16.04 -20.30
N GLY B 140 -32.90 21.71 -16.57
CA GLY B 140 -31.79 21.95 -17.50
C GLY B 140 -30.60 21.05 -17.22
N THR B 141 -30.89 19.79 -16.89
CA THR B 141 -29.82 18.87 -16.57
C THR B 141 -29.78 17.75 -17.61
N ALA B 142 -28.57 17.38 -18.00
CA ALA B 142 -28.35 16.27 -18.90
C ALA B 142 -27.59 15.16 -18.12
N ALA B 143 -27.84 13.90 -18.46
CA ALA B 143 -27.16 12.78 -17.82
C ALA B 143 -26.28 12.12 -18.82
N LEU B 144 -25.04 11.85 -18.45
CA LEU B 144 -24.14 11.04 -19.27
C LEU B 144 -23.51 9.92 -18.42
N GLY B 145 -22.71 9.07 -19.06
CA GLY B 145 -22.21 7.94 -18.35
C GLY B 145 -21.22 7.08 -19.09
N CYS B 146 -20.83 5.95 -18.48
CA CYS B 146 -19.86 4.92 -18.93
C CYS B 146 -20.46 3.50 -18.66
N LEU B 147 -20.48 2.55 -19.62
CA LEU B 147 -20.93 1.19 -19.43
C LEU B 147 -19.70 0.34 -19.51
N VAL B 148 -19.36 -0.31 -18.39
CA VAL B 148 -18.18 -1.15 -18.17
C VAL B 148 -18.69 -2.61 -18.28
N LYS B 149 -18.40 -3.24 -19.41
CA LYS B 149 -19.09 -4.46 -19.82
C LYS B 149 -18.18 -5.70 -19.83
N ASP B 150 -18.70 -6.78 -19.27
CA ASP B 150 -18.19 -8.13 -19.44
C ASP B 150 -16.84 -8.40 -18.77
N TYR B 151 -16.80 -8.34 -17.44
CA TYR B 151 -15.51 -8.53 -16.74
C TYR B 151 -15.62 -9.57 -15.66
N PHE B 152 -14.49 -10.08 -15.21
CA PHE B 152 -14.50 -11.04 -14.07
C PHE B 152 -13.12 -10.95 -13.52
N PRO B 153 -12.98 -10.98 -12.20
CA PRO B 153 -14.02 -10.94 -11.19
C PRO B 153 -14.28 -9.47 -10.85
N GLU B 154 -15.04 -9.23 -9.78
CA GLU B 154 -15.17 -7.93 -9.15
C GLU B 154 -13.86 -7.74 -8.39
N PRO B 155 -13.48 -6.46 -8.07
CA PRO B 155 -14.25 -5.22 -8.31
C PRO B 155 -13.75 -4.39 -9.52
N VAL B 156 -14.61 -3.52 -9.99
CA VAL B 156 -14.22 -2.48 -10.86
C VAL B 156 -14.45 -1.18 -10.11
N THR B 157 -13.49 -0.24 -10.18
CA THR B 157 -13.75 1.13 -9.71
C THR B 157 -13.84 2.16 -10.84
N VAL B 158 -14.72 3.13 -10.61
CA VAL B 158 -15.01 4.20 -11.54
C VAL B 158 -14.89 5.51 -10.79
N SER B 159 -14.11 6.43 -11.38
CA SER B 159 -14.17 7.84 -11.01
C SER B 159 -14.41 8.72 -12.24
N TRP B 160 -14.83 9.94 -11.96
CA TRP B 160 -15.04 10.92 -13.00
C TRP B 160 -14.07 12.12 -12.87
N ASN B 161 -13.48 12.50 -14.00
CA ASN B 161 -12.47 13.60 -14.02
C ASN B 161 -11.44 13.41 -12.95
N SER B 162 -10.96 12.18 -12.86
CA SER B 162 -9.96 11.77 -11.87
C SER B 162 -10.29 12.15 -10.41
N GLY B 163 -11.57 12.08 -10.04
CA GLY B 163 -11.98 12.37 -8.67
C GLY B 163 -12.41 13.81 -8.45
N ALA B 164 -12.30 14.63 -9.51
CA ALA B 164 -12.72 16.03 -9.45
C ALA B 164 -14.23 16.19 -9.45
N LEU B 165 -14.93 15.20 -9.99
CA LEU B 165 -16.37 15.29 -10.04
C LEU B 165 -17.02 14.19 -9.21
N THR B 166 -17.90 14.58 -8.30
CA THR B 166 -18.50 13.62 -7.43
C THR B 166 -19.95 13.85 -7.24
N SER B 167 -20.45 15.08 -7.42
CA SER B 167 -21.89 15.32 -7.14
C SER B 167 -22.77 14.87 -8.31
N GLY B 168 -23.91 14.25 -8.02
CA GLY B 168 -24.68 13.55 -9.04
C GLY B 168 -23.93 12.38 -9.71
N VAL B 169 -22.92 11.79 -9.05
CA VAL B 169 -22.29 10.56 -9.57
C VAL B 169 -22.94 9.33 -8.95
N HIS B 170 -23.37 8.42 -9.82
CA HIS B 170 -23.94 7.17 -9.35
C HIS B 170 -23.28 6.09 -10.09
N THR B 171 -22.48 5.35 -9.32
CA THR B 171 -21.90 4.13 -9.80
C THR B 171 -22.71 2.98 -9.19
N PHE B 172 -23.40 2.26 -10.05
CA PHE B 172 -24.32 1.17 -9.70
C PHE B 172 -23.59 -0.10 -9.33
N PRO B 173 -24.23 -0.96 -8.52
CA PRO B 173 -23.64 -2.29 -8.26
C PRO B 173 -23.60 -3.03 -9.58
N ALA B 174 -22.54 -3.81 -9.74
CA ALA B 174 -22.38 -4.75 -10.80
C ALA B 174 -23.56 -5.72 -10.93
N VAL B 175 -23.94 -6.04 -12.16
CA VAL B 175 -24.92 -7.04 -12.46
C VAL B 175 -24.21 -8.23 -13.10
N LEU B 176 -24.77 -9.43 -12.89
CA LEU B 176 -24.34 -10.65 -13.58
C LEU B 176 -25.02 -10.77 -14.89
N GLN B 177 -24.25 -11.07 -15.93
CA GLN B 177 -24.86 -11.38 -17.22
C GLN B 177 -25.21 -12.88 -17.22
N SER B 178 -25.99 -13.30 -18.21
CA SER B 178 -26.23 -14.74 -18.39
C SER B 178 -24.94 -15.47 -18.65
N SER B 179 -23.93 -14.77 -19.18
CA SER B 179 -22.67 -15.43 -19.55
C SER B 179 -21.87 -15.75 -18.30
N GLY B 180 -22.32 -15.32 -17.12
CA GLY B 180 -21.49 -15.37 -15.89
C GLY B 180 -20.43 -14.26 -15.73
N LEU B 181 -20.50 -13.22 -16.53
CA LEU B 181 -19.57 -12.08 -16.38
C LEU B 181 -20.37 -10.93 -15.85
N TYR B 182 -19.70 -10.03 -15.17
CA TYR B 182 -20.34 -8.89 -14.67
C TYR B 182 -20.32 -7.74 -15.63
N SER B 183 -21.23 -6.80 -15.41
CA SER B 183 -21.22 -5.50 -16.03
C SER B 183 -21.64 -4.48 -15.02
N LEU B 184 -21.16 -3.25 -15.16
CA LEU B 184 -21.75 -2.14 -14.42
C LEU B 184 -21.87 -0.83 -15.17
N SER B 185 -22.71 0.07 -14.66
CA SER B 185 -22.88 1.48 -15.14
C SER B 185 -22.39 2.48 -14.12
N SER B 186 -21.91 3.61 -14.62
CA SER B 186 -21.60 4.76 -13.78
C SER B 186 -22.14 5.94 -14.52
N VAL B 187 -23.07 6.66 -13.91
CA VAL B 187 -23.68 7.83 -14.55
C VAL B 187 -23.48 9.13 -13.74
N VAL B 188 -23.61 10.26 -14.43
CA VAL B 188 -23.62 11.55 -13.73
C VAL B 188 -24.50 12.56 -14.42
N THR B 189 -25.30 13.28 -13.63
CA THR B 189 -26.07 14.37 -14.18
C THR B 189 -25.29 15.69 -14.04
N VAL B 190 -25.43 16.54 -15.06
CA VAL B 190 -24.73 17.85 -15.18
C VAL B 190 -25.60 18.89 -15.87
N PRO B 191 -25.20 20.17 -15.78
CA PRO B 191 -25.95 21.20 -16.54
C PRO B 191 -25.69 21.01 -18.02
N SER B 192 -26.76 21.08 -18.81
CA SER B 192 -26.66 20.80 -20.24
C SER B 192 -25.94 21.93 -20.96
N SER B 193 -25.96 23.13 -20.37
CA SER B 193 -25.21 24.28 -20.86
C SER B 193 -23.69 24.01 -20.81
N SER B 194 -23.23 23.29 -19.79
CA SER B 194 -21.82 22.85 -19.69
C SER B 194 -21.39 21.94 -20.85
N LEU B 195 -22.34 21.42 -21.60
CA LEU B 195 -22.04 20.30 -22.47
C LEU B 195 -21.00 20.63 -23.50
N GLY B 196 -21.22 21.70 -24.28
CA GLY B 196 -20.26 22.11 -25.31
C GLY B 196 -18.87 22.47 -24.77
N THR B 197 -18.80 22.81 -23.48
CA THR B 197 -17.63 23.50 -22.93
C THR B 197 -16.73 22.69 -21.97
N GLN B 198 -17.32 21.85 -21.13
CA GLN B 198 -16.58 21.18 -20.07
C GLN B 198 -16.37 19.70 -20.34
N THR B 199 -15.24 19.20 -19.87
CA THR B 199 -14.78 17.90 -20.30
C THR B 199 -15.24 16.81 -19.29
N TYR B 200 -15.84 15.75 -19.83
CA TYR B 200 -16.28 14.63 -19.00
C TYR B 200 -15.65 13.32 -19.42
N ILE B 201 -14.84 12.76 -18.50
CA ILE B 201 -14.11 11.52 -18.65
C ILE B 201 -14.40 10.56 -17.47
N CYS B 202 -14.62 9.26 -17.76
CA CYS B 202 -14.64 8.23 -16.69
C CYS B 202 -13.33 7.48 -16.63
N ASN B 203 -12.85 7.29 -15.41
CA ASN B 203 -11.60 6.61 -15.13
C ASN B 203 -11.95 5.24 -14.55
N VAL B 204 -11.59 4.17 -15.25
CA VAL B 204 -12.05 2.77 -14.96
C VAL B 204 -10.86 1.86 -14.67
N ASN B 205 -10.86 1.24 -13.50
CA ASN B 205 -9.79 0.29 -13.25
C ASN B 205 -10.29 -1.10 -12.90
N HIS B 206 -9.67 -2.11 -13.50
CA HIS B 206 -9.94 -3.50 -13.16
C HIS B 206 -8.59 -4.09 -12.92
N LYS B 207 -8.13 -4.08 -11.67
CA LYS B 207 -6.79 -4.56 -11.31
C LYS B 207 -6.51 -6.01 -11.78
N PRO B 208 -7.48 -6.93 -11.56
CA PRO B 208 -7.18 -8.34 -11.91
C PRO B 208 -6.80 -8.59 -13.37
N SER B 209 -7.32 -7.76 -14.29
CA SER B 209 -6.91 -7.88 -15.69
C SER B 209 -5.94 -6.75 -16.08
N ASN B 210 -5.36 -6.09 -15.10
CA ASN B 210 -4.55 -4.90 -15.31
C ASN B 210 -5.10 -4.06 -16.42
N THR B 211 -6.36 -3.63 -16.26
CA THR B 211 -7.05 -2.80 -17.21
C THR B 211 -7.25 -1.43 -16.59
N LYS B 212 -6.84 -0.41 -17.29
CA LYS B 212 -6.95 0.95 -16.81
C LYS B 212 -7.31 1.78 -18.04
N VAL B 213 -8.51 2.36 -18.04
CA VAL B 213 -9.02 3.03 -19.22
C VAL B 213 -9.59 4.37 -18.79
N ASP B 214 -9.50 5.34 -19.71
CA ASP B 214 -10.16 6.63 -19.56
C ASP B 214 -11.01 6.81 -20.79
N LYS B 215 -12.31 7.04 -20.60
CA LYS B 215 -13.18 7.26 -21.74
C LYS B 215 -13.67 8.66 -21.59
N ARG B 216 -13.42 9.48 -22.62
CA ARG B 216 -13.99 10.82 -22.67
C ARG B 216 -15.34 10.59 -23.25
N VAL B 217 -16.38 11.11 -22.61
CA VAL B 217 -17.73 10.94 -23.12
C VAL B 217 -18.25 12.31 -23.57
N GLU B 218 -18.60 12.37 -24.86
CA GLU B 218 -19.01 13.59 -25.57
C GLU B 218 -20.43 13.46 -26.10
N PRO B 219 -21.15 14.57 -26.24
CA PRO B 219 -22.37 14.48 -27.03
C PRO B 219 -21.99 14.12 -28.45
N VAL C 2 40.78 -10.03 4.12
CA VAL C 2 40.71 -10.07 5.59
C VAL C 2 40.08 -11.38 6.05
N LEU C 3 40.88 -12.21 6.73
CA LEU C 3 40.41 -13.42 7.41
C LEU C 3 39.74 -13.04 8.70
N MET C 4 38.62 -13.68 8.96
CA MET C 4 37.89 -13.42 10.17
C MET C 4 37.83 -14.75 10.84
N THR C 5 38.27 -14.81 12.09
CA THR C 5 38.45 -16.09 12.76
C THR C 5 37.48 -16.18 13.92
N GLN C 6 36.65 -17.20 13.96
CA GLN C 6 35.66 -17.23 15.04
C GLN C 6 35.98 -18.22 16.14
N THR C 7 35.88 -17.82 17.41
CA THR C 7 35.99 -18.81 18.49
C THR C 7 34.89 -18.60 19.53
N PRO C 8 34.42 -19.69 20.14
CA PRO C 8 34.74 -21.07 19.76
C PRO C 8 33.96 -21.42 18.49
N LEU C 9 34.04 -22.66 18.00
CA LEU C 9 33.25 -23.09 16.83
C LEU C 9 31.91 -23.77 17.19
N SER C 10 31.79 -24.24 18.43
CA SER C 10 30.51 -24.67 18.93
C SER C 10 30.41 -24.28 20.41
N LEU C 11 29.24 -23.83 20.84
CA LEU C 11 29.15 -23.19 22.12
C LEU C 11 27.90 -23.65 22.77
N PRO C 12 28.03 -24.58 23.76
CA PRO C 12 26.89 -25.03 24.55
C PRO C 12 26.60 -24.06 25.68
N VAL C 13 25.35 -23.82 26.00
CA VAL C 13 25.03 -22.79 26.95
C VAL C 13 23.64 -23.16 27.44
N SER C 14 23.41 -23.06 28.75
CA SER C 14 22.10 -23.40 29.29
C SER C 14 21.16 -22.19 29.19
N LEU C 15 19.84 -22.45 29.13
CA LEU C 15 18.85 -21.41 29.07
C LEU C 15 19.07 -20.46 30.22
N GLY C 16 18.97 -19.19 29.92
CA GLY C 16 19.05 -18.21 30.97
C GLY C 16 20.44 -17.79 31.31
N ASP C 17 21.46 -18.40 30.72
CA ASP C 17 22.86 -17.99 30.93
C ASP C 17 23.36 -17.15 29.78
N GLN C 18 24.64 -16.80 29.84
CA GLN C 18 25.20 -15.91 28.81
C GLN C 18 26.18 -16.62 27.89
N ALA C 19 26.13 -16.32 26.59
CA ALA C 19 27.09 -16.87 25.65
C ALA C 19 27.97 -15.74 25.08
N SER C 20 29.26 -16.02 24.83
CA SER C 20 30.12 -15.07 24.16
C SER C 20 30.83 -15.63 22.99
N ILE C 21 30.75 -14.96 21.85
CA ILE C 21 31.39 -15.46 20.66
C ILE C 21 32.38 -14.41 20.29
N SER C 22 33.57 -14.81 19.88
CA SER C 22 34.51 -13.80 19.52
C SER C 22 34.99 -13.99 18.13
N CYS C 23 35.43 -12.88 17.55
CA CYS C 23 35.84 -12.79 16.16
C CYS C 23 37.09 -11.91 16.10
N ARG C 24 38.06 -12.40 15.35
CA ARG C 24 39.35 -11.77 15.21
C ARG C 24 39.72 -11.60 13.74
N SER C 25 39.90 -10.35 13.32
CA SER C 25 40.31 -10.09 11.93
C SER C 25 41.81 -10.06 11.77
N SER C 26 42.26 -10.61 10.66
CA SER C 26 43.62 -10.55 10.14
C SER C 26 44.32 -9.18 10.02
N GLN C 27 43.54 -8.13 9.86
CA GLN C 27 44.09 -6.78 9.74
C GLN C 27 43.05 -5.83 10.22
N SER C 28 43.30 -4.55 10.14
CA SER C 28 42.35 -3.67 10.73
C SER C 28 41.10 -3.58 9.91
N ILE C 29 40.04 -3.10 10.54
CA ILE C 29 38.70 -3.19 9.98
C ILE C 29 37.96 -1.87 9.94
N ASN C 33 37.11 6.75 7.95
CA ASN C 33 36.07 7.66 8.49
C ASN C 33 35.71 7.54 9.99
N GLY C 34 36.38 6.65 10.71
CA GLY C 34 35.96 6.23 12.06
C GLY C 34 35.13 4.95 11.97
N ASN C 35 34.72 4.62 10.74
CA ASN C 35 33.70 3.60 10.45
C ASN C 35 34.19 2.17 10.49
N THR C 36 33.66 1.35 11.37
CA THR C 36 34.06 -0.04 11.29
C THR C 36 32.86 -0.93 11.01
N PHE C 37 32.85 -1.49 9.82
CA PHE C 37 31.67 -2.18 9.35
C PHE C 37 31.66 -3.63 9.75
N LEU C 38 31.52 -3.90 11.03
CA LEU C 38 31.51 -5.27 11.51
C LEU C 38 30.14 -5.68 11.91
N GLU C 39 29.75 -6.86 11.47
CA GLU C 39 28.40 -7.33 11.62
C GLU C 39 28.27 -8.75 12.16
N TRP C 40 27.16 -9.02 12.81
CA TRP C 40 26.79 -10.37 13.18
C TRP C 40 25.49 -10.82 12.54
N TYR C 41 25.47 -12.01 11.96
CA TYR C 41 24.30 -12.59 11.36
C TYR C 41 24.00 -13.91 12.11
N LEU C 42 22.74 -14.33 12.14
CA LEU C 42 22.39 -15.60 12.75
C LEU C 42 21.65 -16.34 11.69
N GLN C 43 22.01 -17.60 11.45
CA GLN C 43 21.19 -18.48 10.63
C GLN C 43 20.59 -19.62 11.48
N LYS C 44 19.29 -19.51 11.72
CA LYS C 44 18.56 -20.51 12.47
C LYS C 44 18.30 -21.71 11.53
N PRO C 45 18.14 -22.90 12.12
CA PRO C 45 17.96 -24.09 11.27
C PRO C 45 16.84 -23.92 10.20
N GLY C 46 17.14 -24.18 8.93
CA GLY C 46 16.16 -24.10 7.86
C GLY C 46 15.82 -22.71 7.35
N GLN C 47 16.52 -21.67 7.85
CA GLN C 47 16.26 -20.26 7.45
C GLN C 47 17.42 -19.61 6.70
N SER C 48 17.16 -18.47 6.06
CA SER C 48 18.27 -17.64 5.54
C SER C 48 18.98 -16.95 6.71
N PRO C 49 20.23 -16.51 6.52
CA PRO C 49 20.91 -15.68 7.55
C PRO C 49 20.14 -14.37 7.81
N LYS C 50 20.17 -13.83 9.02
CA LYS C 50 19.54 -12.55 9.26
C LYS C 50 20.48 -11.72 10.10
N LEU C 51 20.44 -10.41 9.88
CA LEU C 51 21.38 -9.48 10.50
C LEU C 51 20.99 -9.28 11.94
N LEU C 52 21.93 -9.25 12.86
CA LEU C 52 21.55 -8.90 14.16
C LEU C 52 22.15 -7.61 14.63
N ILE C 53 23.42 -7.37 14.28
CA ILE C 53 24.23 -6.27 14.82
C ILE C 53 25.01 -5.68 13.68
N TYR C 54 25.13 -4.35 13.60
CA TYR C 54 25.99 -3.77 12.51
C TYR C 54 26.84 -2.66 13.05
N LYS C 55 27.87 -2.23 12.34
CA LYS C 55 28.75 -1.21 12.94
C LYS C 55 29.13 -1.54 14.41
N VAL C 56 29.59 -2.77 14.63
CA VAL C 56 30.04 -3.30 15.93
C VAL C 56 28.94 -3.50 16.97
N SER C 57 28.13 -2.49 17.20
CA SER C 57 27.25 -2.49 18.37
C SER C 57 25.83 -2.08 18.11
N ASN C 58 25.49 -1.78 16.86
CA ASN C 58 24.13 -1.36 16.57
C ASN C 58 23.17 -2.56 16.42
N ARG C 59 22.14 -2.62 17.23
CA ARG C 59 21.12 -3.68 17.12
C ARG C 59 20.25 -3.38 15.91
N PHE C 60 19.99 -4.38 15.07
CA PHE C 60 19.14 -4.18 13.90
C PHE C 60 17.67 -4.36 14.33
N SER C 61 16.74 -4.14 13.38
CA SER C 61 15.29 -4.19 13.66
C SER C 61 14.85 -5.46 14.35
N GLY C 62 14.08 -5.32 15.42
CA GLY C 62 13.52 -6.49 16.08
C GLY C 62 14.53 -7.30 16.91
N VAL C 63 15.73 -6.77 17.04
CA VAL C 63 16.74 -7.48 17.76
C VAL C 63 16.78 -7.02 19.18
N PRO C 64 16.44 -7.92 20.06
CA PRO C 64 16.34 -7.67 21.48
C PRO C 64 17.65 -7.23 22.07
N ASP C 65 17.53 -6.65 23.24
CA ASP C 65 18.64 -6.01 23.90
C ASP C 65 19.58 -6.98 24.58
N ARG C 66 19.21 -8.23 24.67
CA ARG C 66 20.12 -9.19 25.25
C ARG C 66 21.28 -9.51 24.32
N PHE C 67 21.17 -9.12 23.07
CA PHE C 67 22.23 -9.27 22.10
C PHE C 67 23.03 -8.01 22.06
N SER C 68 24.32 -8.07 22.27
CA SER C 68 25.07 -6.88 22.37
C SER C 68 26.41 -7.21 21.79
N GLY C 69 26.89 -6.36 20.91
CA GLY C 69 28.19 -6.50 20.31
C GLY C 69 29.14 -5.43 20.85
N SER C 70 30.44 -5.67 20.70
CA SER C 70 31.47 -4.69 21.09
C SER C 70 32.80 -5.12 20.52
N GLY C 71 33.84 -4.47 21.00
CA GLY C 71 35.13 -4.81 20.52
C GLY C 71 35.75 -3.53 20.05
N SER C 72 37.03 -3.65 19.75
CA SER C 72 37.77 -2.56 19.24
C SER C 72 38.85 -3.06 18.31
N GLY C 73 38.91 -2.47 17.14
CA GLY C 73 40.01 -2.64 16.24
C GLY C 73 40.20 -3.96 15.56
N THR C 74 40.26 -5.02 16.35
CA THR C 74 40.57 -6.29 15.76
C THR C 74 40.00 -7.45 16.55
N ASP C 75 39.50 -7.15 17.73
CA ASP C 75 38.86 -8.13 18.57
C ASP C 75 37.42 -7.75 18.82
N PHE C 76 36.50 -8.56 18.34
CA PHE C 76 35.06 -8.25 18.38
C PHE C 76 34.30 -9.40 19.03
N THR C 77 33.24 -9.07 19.76
CA THR C 77 32.61 -10.01 20.67
C THR C 77 31.13 -9.83 20.55
N LEU C 78 30.39 -10.93 20.38
CA LEU C 78 28.98 -10.90 20.50
C LEU C 78 28.60 -11.54 21.81
N LYS C 79 27.76 -10.88 22.59
CA LYS C 79 27.21 -11.49 23.79
C LYS C 79 25.73 -11.67 23.71
N ILE C 80 25.32 -12.89 24.05
CA ILE C 80 23.94 -13.17 24.19
C ILE C 80 23.71 -13.46 25.67
N SER C 81 23.08 -12.50 26.32
CA SER C 81 22.63 -12.66 27.68
C SER C 81 21.26 -13.37 27.70
N ARG C 82 20.90 -14.01 28.82
CA ARG C 82 19.58 -14.65 28.99
C ARG C 82 19.12 -15.46 27.73
N VAL C 83 20.04 -16.27 27.22
CA VAL C 83 19.85 -17.20 26.13
C VAL C 83 18.52 -17.93 26.15
N GLU C 84 17.79 -17.88 25.03
CA GLU C 84 16.53 -18.67 24.89
C GLU C 84 16.77 -19.78 23.89
N ALA C 85 15.94 -20.82 23.95
CA ALA C 85 15.99 -21.94 23.04
C ALA C 85 15.97 -21.45 21.58
N GLU C 86 15.18 -20.42 21.30
CA GLU C 86 15.04 -19.87 19.92
C GLU C 86 16.29 -19.16 19.36
N ASP C 87 17.30 -18.98 20.22
CA ASP C 87 18.54 -18.36 19.82
C ASP C 87 19.48 -19.36 19.15
N LEU C 88 19.14 -20.66 19.13
CA LEU C 88 20.15 -21.61 18.66
C LEU C 88 20.36 -21.47 17.14
N GLY C 89 21.56 -21.80 16.66
CA GLY C 89 21.81 -21.79 15.20
C GLY C 89 23.25 -21.39 15.02
N VAL C 90 23.58 -20.89 13.85
CA VAL C 90 24.94 -20.59 13.52
C VAL C 90 25.16 -19.07 13.39
N TYR C 91 26.02 -18.53 14.24
CA TYR C 91 26.39 -17.12 14.24
C TYR C 91 27.57 -16.86 13.39
N TYR C 92 27.48 -15.89 12.47
CA TYR C 92 28.62 -15.46 11.67
C TYR C 92 29.01 -13.97 11.88
N CYS C 93 30.32 -13.67 12.03
CA CYS C 93 30.72 -12.26 12.01
C CYS C 93 30.97 -11.92 10.56
N PHE C 94 30.94 -10.63 10.25
CA PHE C 94 31.15 -10.17 8.89
C PHE C 94 31.72 -8.83 8.91
N GLN C 95 32.50 -8.61 7.88
CA GLN C 95 33.36 -7.49 7.69
C GLN C 95 32.96 -6.86 6.34
N ALA C 96 32.51 -5.61 6.33
CA ALA C 96 32.42 -4.92 5.01
C ALA C 96 33.37 -3.72 4.81
N SER C 97 34.28 -3.50 5.75
CA SER C 97 35.27 -2.41 5.69
C SER C 97 36.22 -2.50 4.51
N HIS C 98 36.79 -3.65 4.24
CA HIS C 98 37.69 -3.77 3.11
C HIS C 98 37.12 -4.75 2.10
N VAL C 99 37.49 -4.60 0.82
CA VAL C 99 37.03 -5.43 -0.33
C VAL C 99 38.02 -6.60 -0.54
N PRO C 100 37.52 -7.82 -0.73
CA PRO C 100 36.12 -8.28 -0.76
C PRO C 100 35.54 -8.37 0.66
N PRO C 101 34.23 -8.18 0.81
CA PRO C 101 33.67 -8.40 2.13
C PRO C 101 33.75 -9.90 2.47
N THR C 102 34.04 -10.26 3.71
CA THR C 102 34.21 -11.67 4.02
C THR C 102 33.55 -12.07 5.34
N PHE C 103 33.17 -13.33 5.35
CA PHE C 103 32.54 -13.94 6.52
C PHE C 103 33.52 -14.84 7.28
N GLY C 104 33.43 -14.74 8.60
CA GLY C 104 33.86 -15.80 9.49
C GLY C 104 33.17 -17.15 9.25
N SER C 105 33.71 -18.15 9.94
CA SER C 105 33.38 -19.51 9.58
C SER C 105 32.16 -20.05 10.30
N GLY C 106 31.68 -19.37 11.32
CA GLY C 106 30.48 -19.91 11.94
C GLY C 106 30.74 -20.47 13.31
N THR C 107 29.95 -20.03 14.30
CA THR C 107 29.89 -20.61 15.61
C THR C 107 28.49 -21.20 15.82
N LYS C 108 28.38 -22.51 15.93
CA LYS C 108 27.14 -23.09 16.32
C LYS C 108 26.87 -22.91 17.80
N LEU C 109 25.77 -22.21 18.08
CA LEU C 109 25.36 -22.06 19.43
C LEU C 109 24.50 -23.29 19.75
N GLU C 110 24.77 -23.95 20.88
CA GLU C 110 24.03 -25.12 21.16
C GLU C 110 23.37 -25.00 22.53
N ILE C 111 22.13 -25.44 22.63
CA ILE C 111 21.46 -25.37 23.92
C ILE C 111 21.75 -26.62 24.77
N LYS C 112 22.23 -26.40 26.00
CA LYS C 112 22.33 -27.50 26.98
C LYS C 112 21.09 -27.61 27.83
N ARG C 113 20.52 -28.81 27.90
CA ARG C 113 19.37 -29.07 28.69
C ARG C 113 19.63 -30.43 29.45
N THR C 114 18.66 -30.86 30.19
CA THR C 114 18.72 -32.11 30.88
C THR C 114 18.70 -33.28 29.95
N VAL C 115 19.26 -34.38 30.40
CA VAL C 115 19.30 -35.56 29.64
C VAL C 115 17.90 -35.99 29.33
N ALA C 116 17.68 -36.41 28.10
CA ALA C 116 16.40 -36.90 27.66
C ALA C 116 16.60 -38.13 26.85
N ALA C 117 15.96 -39.22 27.22
CA ALA C 117 16.14 -40.47 26.52
C ALA C 117 15.31 -40.59 25.26
N PRO C 118 15.87 -41.18 24.22
CA PRO C 118 15.04 -41.40 23.01
C PRO C 118 13.84 -42.29 23.28
N SER C 119 12.71 -41.98 22.65
CA SER C 119 11.65 -42.92 22.32
C SER C 119 12.07 -43.59 20.99
N VAL C 120 12.04 -44.92 20.98
CA VAL C 120 12.57 -45.71 19.86
C VAL C 120 11.44 -46.44 19.14
N PHE C 121 11.41 -46.31 17.81
CA PHE C 121 10.34 -46.82 16.93
C PHE C 121 10.98 -47.48 15.74
N ILE C 122 10.51 -48.69 15.37
CA ILE C 122 11.10 -49.44 14.26
C ILE C 122 10.00 -49.66 13.19
N PHE C 123 10.37 -49.59 11.93
CA PHE C 123 9.43 -49.69 10.82
C PHE C 123 9.96 -50.74 9.85
N PRO C 124 9.22 -51.83 9.68
CA PRO C 124 9.58 -52.77 8.60
C PRO C 124 9.45 -52.13 7.24
N PRO C 125 10.16 -52.65 6.23
CA PRO C 125 9.90 -52.15 4.86
C PRO C 125 8.41 -52.26 4.53
N SER C 126 7.95 -51.30 3.71
CA SER C 126 6.60 -51.26 3.21
C SER C 126 6.42 -52.36 2.13
N ASP C 127 5.23 -53.00 2.12
CA ASP C 127 4.86 -53.90 1.00
C ASP C 127 5.18 -53.24 -0.34
N GLU C 128 4.85 -51.95 -0.49
CA GLU C 128 5.23 -51.20 -1.73
C GLU C 128 6.73 -51.31 -2.13
N GLN C 129 7.63 -51.35 -1.14
CA GLN C 129 9.08 -51.40 -1.40
C GLN C 129 9.59 -52.81 -1.76
N LEU C 130 8.93 -53.81 -1.16
CA LEU C 130 9.30 -55.21 -1.35
C LEU C 130 9.13 -55.60 -2.85
N LYS C 131 7.99 -55.18 -3.46
CA LYS C 131 7.73 -55.27 -4.92
C LYS C 131 8.88 -54.75 -5.82
N SER C 132 9.61 -53.76 -5.31
CA SER C 132 10.73 -53.15 -6.04
C SER C 132 12.09 -53.90 -5.97
N GLY C 133 12.25 -54.83 -5.04
CA GLY C 133 13.54 -55.56 -4.94
C GLY C 133 14.42 -55.34 -3.69
N THR C 134 14.07 -54.36 -2.85
CA THR C 134 14.83 -54.07 -1.62
C THR C 134 13.95 -53.94 -0.37
N ALA C 135 14.57 -54.08 0.79
CA ALA C 135 13.89 -53.96 2.07
C ALA C 135 14.69 -52.93 2.85
N SER C 136 14.04 -51.82 3.20
CA SER C 136 14.73 -50.86 4.08
C SER C 136 14.09 -50.96 5.40
N VAL C 137 14.88 -51.21 6.41
CA VAL C 137 14.32 -51.22 7.74
C VAL C 137 14.68 -49.89 8.42
N VAL C 138 13.70 -49.23 9.03
CA VAL C 138 14.00 -47.90 9.56
C VAL C 138 13.79 -47.91 11.04
N CYS C 139 14.73 -47.30 11.75
CA CYS C 139 14.69 -47.16 13.18
C CYS C 139 14.72 -45.63 13.52
N LEU C 140 13.83 -45.19 14.42
CA LEU C 140 13.72 -43.75 14.71
C LEU C 140 14.02 -43.57 16.19
N LEU C 141 14.99 -42.71 16.53
CA LEU C 141 15.18 -42.31 17.92
C LEU C 141 14.67 -40.88 17.99
N ASN C 142 13.65 -40.63 18.81
CA ASN C 142 12.98 -39.32 18.75
C ASN C 142 13.20 -38.49 20.05
N ASN C 143 13.54 -37.21 19.87
CA ASN C 143 13.49 -36.23 20.98
C ASN C 143 14.42 -36.59 22.14
N PHE C 144 15.75 -36.62 21.87
CA PHE C 144 16.66 -37.04 22.91
C PHE C 144 17.74 -35.97 23.13
N TYR C 145 18.40 -36.03 24.28
CA TYR C 145 19.54 -35.14 24.53
C TYR C 145 20.39 -35.85 25.54
N PRO C 146 21.70 -35.88 25.34
CA PRO C 146 22.53 -35.24 24.31
C PRO C 146 22.52 -35.92 22.92
N ARG C 147 23.20 -35.28 21.97
CA ARG C 147 23.20 -35.60 20.52
C ARG C 147 23.80 -36.99 20.23
N GLU C 148 24.72 -37.43 21.10
CA GLU C 148 25.41 -38.71 20.96
C GLU C 148 24.51 -39.89 21.27
N ALA C 149 24.47 -40.81 20.33
CA ALA C 149 23.60 -41.99 20.41
C ALA C 149 24.29 -43.06 19.62
N LYS C 150 24.07 -44.31 20.03
CA LYS C 150 24.60 -45.45 19.31
C LYS C 150 23.46 -46.40 18.91
N VAL C 151 23.36 -46.69 17.64
CA VAL C 151 22.39 -47.64 17.18
C VAL C 151 23.05 -48.84 16.58
N GLN C 152 22.54 -50.02 16.86
CA GLN C 152 22.95 -51.19 16.11
C GLN C 152 21.83 -52.12 15.71
N TRP C 153 22.02 -52.69 14.56
CA TRP C 153 21.04 -53.41 13.89
C TRP C 153 21.41 -54.80 14.09
N LYS C 154 20.46 -55.63 14.42
CA LYS C 154 20.71 -57.04 14.48
C LYS C 154 19.70 -57.74 13.62
N VAL C 155 20.17 -58.66 12.79
CA VAL C 155 19.31 -59.47 11.97
C VAL C 155 19.59 -60.88 12.39
N ASP C 156 18.60 -61.53 12.93
CA ASP C 156 18.78 -62.85 13.58
C ASP C 156 20.01 -62.94 14.49
N ASN C 157 20.17 -61.91 15.33
CA ASN C 157 21.28 -61.79 16.30
C ASN C 157 22.70 -61.49 15.79
N ALA C 158 22.90 -61.46 14.47
CA ALA C 158 24.19 -61.02 13.93
C ALA C 158 24.29 -59.48 13.73
N LEU C 159 25.30 -58.87 14.35
CA LEU C 159 25.58 -57.46 14.15
C LEU C 159 25.68 -57.12 12.66
N GLN C 160 25.13 -55.98 12.25
CA GLN C 160 25.29 -55.60 10.86
C GLN C 160 26.47 -54.64 10.76
N SER C 161 27.06 -54.51 9.57
CA SER C 161 28.19 -53.60 9.32
C SER C 161 28.14 -53.17 7.86
N GLY C 162 28.35 -51.89 7.59
CA GLY C 162 28.47 -51.43 6.20
C GLY C 162 27.18 -51.23 5.45
N ASN C 163 26.07 -51.75 5.96
CA ASN C 163 24.77 -51.68 5.25
C ASN C 163 23.62 -50.86 5.91
N SER C 164 24.00 -49.92 6.76
CA SER C 164 23.05 -48.98 7.35
C SER C 164 23.52 -47.53 7.24
N GLN C 165 22.59 -46.58 7.23
CA GLN C 165 22.98 -45.20 7.25
C GLN C 165 22.12 -44.43 8.26
N GLU C 166 22.72 -43.39 8.82
CA GLU C 166 22.23 -42.63 9.96
C GLU C 166 22.32 -41.11 9.64
N SER C 167 21.35 -40.37 10.17
CA SER C 167 21.15 -38.94 9.99
C SER C 167 20.55 -38.46 11.35
N VAL C 168 20.98 -37.27 11.79
CA VAL C 168 20.55 -36.63 13.01
C VAL C 168 20.07 -35.23 12.72
N THR C 169 18.93 -34.82 13.27
CA THR C 169 18.41 -33.45 12.97
C THR C 169 19.29 -32.34 13.62
N GLU C 170 19.15 -31.08 13.20
CA GLU C 170 19.64 -29.94 13.96
C GLU C 170 18.80 -29.91 15.23
N GLN C 171 19.26 -29.19 16.23
CA GLN C 171 18.61 -29.12 17.52
C GLN C 171 17.29 -28.35 17.36
N ASP C 172 16.29 -28.87 18.03
CA ASP C 172 14.93 -28.43 17.96
C ASP C 172 14.79 -27.21 18.89
N SER C 173 14.38 -26.05 18.38
CA SER C 173 14.29 -24.89 19.28
C SER C 173 13.11 -24.91 20.22
N LYS C 174 12.20 -25.86 20.11
CA LYS C 174 11.10 -25.90 21.01
C LYS C 174 11.37 -26.73 22.26
N ASP C 175 12.21 -27.75 22.15
CA ASP C 175 12.46 -28.49 23.35
C ASP C 175 13.94 -28.79 23.56
N SER C 176 14.76 -28.31 22.63
CA SER C 176 16.19 -28.41 22.71
C SER C 176 16.69 -29.86 22.58
N THR C 177 15.92 -30.72 21.92
CA THR C 177 16.33 -32.15 21.65
C THR C 177 16.77 -32.38 20.16
N TYR C 178 17.25 -33.59 19.89
CA TYR C 178 17.67 -34.10 18.59
C TYR C 178 16.78 -35.26 18.27
N SER C 179 16.64 -35.59 16.98
CA SER C 179 16.20 -36.95 16.59
C SER C 179 17.13 -37.62 15.60
N LEU C 180 17.07 -38.94 15.56
CA LEU C 180 17.97 -39.72 14.70
C LEU C 180 17.19 -40.79 14.02
N SER C 181 17.44 -40.93 12.74
CA SER C 181 16.87 -41.98 12.00
C SER C 181 18.02 -42.78 11.33
N SER C 182 17.98 -44.08 11.52
CA SER C 182 18.90 -45.01 10.88
C SER C 182 18.19 -46.09 10.02
N THR C 183 18.77 -46.36 8.85
CA THR C 183 18.15 -47.18 7.82
C THR C 183 19.07 -48.39 7.56
N LEU C 184 18.55 -49.60 7.77
CA LEU C 184 19.23 -50.83 7.38
C LEU C 184 18.76 -51.12 5.97
N THR C 185 19.64 -50.92 5.00
CA THR C 185 19.35 -51.24 3.60
C THR C 185 19.76 -52.71 3.27
N LEU C 186 18.79 -53.56 2.91
CA LEU C 186 19.03 -54.98 2.49
C LEU C 186 18.19 -55.39 1.28
N SER C 187 18.81 -56.07 0.32
CA SER C 187 18.10 -56.70 -0.84
C SER C 187 16.92 -57.54 -0.39
N LYS C 188 15.89 -57.64 -1.24
CA LYS C 188 14.65 -58.36 -0.89
C LYS C 188 14.86 -59.78 -0.32
N ALA C 189 15.78 -60.53 -0.91
CA ALA C 189 15.98 -61.92 -0.50
C ALA C 189 16.73 -62.10 0.85
N ASP C 190 17.78 -61.31 1.07
CA ASP C 190 18.36 -61.28 2.41
C ASP C 190 17.25 -61.03 3.44
N TYR C 191 16.38 -60.04 3.17
CA TYR C 191 15.29 -59.75 4.09
C TYR C 191 14.36 -60.95 4.33
N GLU C 192 13.87 -61.57 3.25
CA GLU C 192 12.95 -62.72 3.43
C GLU C 192 13.65 -63.96 3.99
N LYS C 193 14.97 -64.06 3.79
CA LYS C 193 15.78 -65.11 4.44
C LYS C 193 15.61 -65.15 5.97
N HIS C 194 15.62 -64.00 6.65
CA HIS C 194 15.62 -64.02 8.14
C HIS C 194 14.28 -63.68 8.77
N LYS C 195 14.17 -63.78 10.11
CA LYS C 195 12.90 -63.50 10.81
C LYS C 195 12.90 -62.25 11.73
N VAL C 196 13.90 -62.16 12.63
CA VAL C 196 13.93 -61.13 13.69
C VAL C 196 14.85 -59.93 13.35
N TYR C 197 14.23 -58.75 13.20
CA TYR C 197 14.89 -57.45 12.94
C TYR C 197 14.91 -56.64 14.21
N ALA C 198 16.06 -56.06 14.54
CA ALA C 198 16.19 -55.37 15.81
C ALA C 198 17.10 -54.21 15.73
N CYS C 199 16.65 -53.12 16.36
CA CYS C 199 17.39 -51.91 16.52
C CYS C 199 17.67 -51.86 18.01
N GLU C 200 18.95 -51.77 18.37
CA GLU C 200 19.37 -51.67 19.78
C GLU C 200 20.03 -50.29 20.01
N VAL C 201 19.49 -49.54 20.96
CA VAL C 201 19.97 -48.15 21.13
C VAL C 201 20.69 -47.88 22.44
N THR C 202 21.86 -47.27 22.41
CA THR C 202 22.53 -46.91 23.69
C THR C 202 22.67 -45.39 23.81
N HIS C 203 22.40 -44.82 24.97
CA HIS C 203 22.34 -43.35 25.11
C HIS C 203 22.46 -42.94 26.58
N GLN C 204 23.05 -41.77 26.82
CA GLN C 204 23.30 -41.33 28.20
C GLN C 204 22.05 -41.41 29.13
N GLY C 205 20.85 -41.28 28.55
CA GLY C 205 19.58 -41.22 29.33
C GLY C 205 18.85 -42.55 29.57
N LEU C 206 19.47 -43.66 29.17
CA LEU C 206 18.88 -45.01 29.36
C LEU C 206 19.77 -45.79 30.31
N SER C 207 19.28 -46.25 31.47
CA SER C 207 20.16 -46.98 32.40
C SER C 207 20.68 -48.29 31.80
N SER C 208 19.88 -48.86 30.89
CA SER C 208 20.34 -49.98 30.05
C SER C 208 19.80 -49.85 28.61
N PRO C 209 20.54 -50.39 27.61
CA PRO C 209 20.11 -50.50 26.20
C PRO C 209 18.62 -50.77 26.00
N VAL C 210 18.06 -50.20 24.93
CA VAL C 210 16.68 -50.41 24.56
C VAL C 210 16.71 -51.07 23.18
N THR C 211 15.89 -52.09 23.01
CA THR C 211 15.88 -52.79 21.74
C THR C 211 14.47 -52.82 21.22
N LYS C 212 14.32 -52.35 19.99
CA LYS C 212 13.05 -52.47 19.32
C LYS C 212 13.21 -53.45 18.19
N SER C 213 12.32 -54.42 18.21
CA SER C 213 12.35 -55.50 17.23
C SER C 213 10.96 -55.87 16.68
N PHE C 214 10.96 -56.50 15.52
CA PHE C 214 9.77 -57.18 15.08
C PHE C 214 10.16 -58.53 14.47
N ASN C 215 9.16 -59.38 14.26
CA ASN C 215 9.36 -60.54 13.39
C ASN C 215 8.78 -60.31 11.99
N ARG C 216 9.56 -60.63 10.96
CA ARG C 216 9.10 -60.47 9.57
C ARG C 216 7.75 -61.15 9.31
N GLU D 1 5.12 -8.82 1.97
CA GLU D 1 5.37 -7.84 0.86
C GLU D 1 6.83 -7.42 0.58
N VAL D 2 7.63 -6.90 1.50
CA VAL D 2 9.05 -6.67 1.10
C VAL D 2 9.67 -8.08 1.00
N LYS D 3 10.10 -8.47 -0.21
CA LYS D 3 10.69 -9.78 -0.33
C LYS D 3 11.48 -10.01 -1.60
N LEU D 4 12.20 -11.12 -1.57
CA LEU D 4 13.03 -11.57 -2.66
C LEU D 4 12.78 -13.05 -2.90
N VAL D 5 12.58 -13.40 -4.16
CA VAL D 5 12.19 -14.74 -4.51
C VAL D 5 13.06 -15.23 -5.62
N GLU D 6 13.78 -16.30 -5.38
CA GLU D 6 14.72 -16.75 -6.37
C GLU D 6 14.32 -17.99 -7.12
N SER D 7 15.01 -18.18 -8.23
CA SER D 7 14.85 -19.31 -9.08
C SER D 7 15.96 -19.17 -10.06
N GLY D 8 16.08 -20.07 -11.01
CA GLY D 8 15.92 -21.47 -10.87
C GLY D 8 17.33 -22.00 -10.87
N GLY D 9 17.74 -22.56 -9.78
CA GLY D 9 19.01 -23.23 -9.77
C GLY D 9 18.70 -24.58 -10.30
N GLY D 10 19.56 -25.54 -10.06
CA GLY D 10 19.29 -26.92 -10.43
C GLY D 10 20.58 -27.58 -10.81
N LEU D 11 20.47 -28.76 -11.42
CA LEU D 11 21.61 -29.55 -11.87
C LEU D 11 22.24 -29.02 -13.13
N VAL D 12 23.55 -28.78 -13.08
CA VAL D 12 24.34 -28.30 -14.22
C VAL D 12 25.60 -29.18 -14.45
N LYS D 13 26.15 -29.20 -15.68
CA LYS D 13 27.42 -29.91 -15.92
C LYS D 13 28.64 -29.05 -15.67
N PRO D 14 29.78 -29.68 -15.34
CA PRO D 14 31.04 -28.94 -15.28
C PRO D 14 31.25 -28.12 -16.56
N GLY D 15 31.89 -26.97 -16.42
CA GLY D 15 32.18 -26.09 -17.55
C GLY D 15 30.92 -25.45 -18.11
N GLY D 16 29.76 -26.04 -17.79
CA GLY D 16 28.44 -25.55 -18.24
C GLY D 16 27.99 -24.19 -17.69
N SER D 17 26.73 -23.86 -17.88
CA SER D 17 26.31 -22.51 -17.53
C SER D 17 24.90 -22.39 -17.02
N LEU D 18 24.66 -21.34 -16.25
CA LEU D 18 23.35 -21.14 -15.58
C LEU D 18 23.08 -19.67 -15.26
N LYS D 19 21.84 -19.25 -15.44
CA LYS D 19 21.41 -17.93 -14.96
C LYS D 19 20.43 -18.04 -13.78
N LEU D 20 20.83 -17.41 -12.69
CA LEU D 20 19.93 -17.26 -11.57
C LEU D 20 19.22 -15.90 -11.72
N SER D 21 17.94 -15.93 -11.33
CA SER D 21 17.13 -14.73 -11.17
C SER D 21 16.46 -14.60 -9.78
N CYS D 22 16.30 -13.34 -9.37
CA CYS D 22 15.77 -13.02 -8.01
C CYS D 22 14.72 -11.91 -8.16
N ALA D 23 13.44 -12.23 -7.98
CA ALA D 23 12.36 -11.22 -8.20
C ALA D 23 12.07 -10.47 -6.89
N ALA D 24 12.21 -9.15 -6.93
CA ALA D 24 12.00 -8.34 -5.74
C ALA D 24 10.58 -7.83 -5.74
N SER D 25 10.01 -7.74 -4.56
CA SER D 25 8.72 -7.18 -4.42
C SER D 25 8.68 -6.26 -3.18
N GLY D 26 7.76 -5.30 -3.21
CA GLY D 26 7.45 -4.46 -2.06
C GLY D 26 8.41 -3.35 -1.73
N PHE D 27 9.38 -3.04 -2.59
CA PHE D 27 10.18 -1.85 -2.44
C PHE D 27 10.64 -1.30 -3.76
N ALA D 28 11.16 -0.07 -3.78
CA ALA D 28 11.68 0.52 -5.05
C ALA D 28 13.09 -0.05 -5.42
N PHE D 29 13.05 -1.23 -6.07
CA PHE D 29 14.19 -2.06 -6.38
C PHE D 29 15.33 -1.35 -7.10
N SER D 30 14.98 -0.49 -8.04
CA SER D 30 15.99 0.21 -8.81
C SER D 30 16.83 1.12 -7.94
N THR D 31 16.42 1.32 -6.70
CA THR D 31 17.18 2.29 -5.90
C THR D 31 18.03 1.71 -4.75
N TYR D 32 18.16 0.37 -4.62
CA TYR D 32 19.09 -0.27 -3.64
C TYR D 32 20.26 -1.03 -4.30
N ASP D 33 21.45 -1.02 -3.73
CA ASP D 33 22.46 -1.99 -4.19
C ASP D 33 21.98 -3.40 -3.89
N MET D 34 22.28 -4.33 -4.78
CA MET D 34 21.87 -5.74 -4.65
C MET D 34 23.08 -6.72 -4.77
N SER D 35 22.99 -7.88 -4.09
CA SER D 35 24.10 -8.85 -4.01
C SER D 35 23.71 -10.34 -4.17
N TRP D 36 24.70 -11.17 -4.52
CA TRP D 36 24.53 -12.60 -4.36
C TRP D 36 25.59 -13.06 -3.36
N ILE D 37 25.21 -14.04 -2.55
CA ILE D 37 26.06 -14.60 -1.50
C ILE D 37 25.75 -16.06 -1.55
N ARG D 38 26.78 -16.90 -1.55
CA ARG D 38 26.53 -18.36 -1.67
C ARG D 38 26.95 -19.03 -0.37
N GLN D 39 26.29 -20.12 -0.07
CA GLN D 39 26.60 -20.87 1.12
C GLN D 39 27.03 -22.29 0.72
N THR D 40 28.28 -22.64 0.99
CA THR D 40 28.82 -23.98 0.59
C THR D 40 28.15 -25.17 1.29
N PRO D 41 28.33 -26.38 0.73
CA PRO D 41 27.79 -27.49 1.52
C PRO D 41 28.42 -27.57 2.95
N GLU D 42 29.63 -27.06 3.12
CA GLU D 42 30.21 -26.95 4.47
C GLU D 42 29.59 -25.83 5.35
N LYS D 43 28.52 -25.16 4.88
CA LYS D 43 27.95 -24.00 5.56
C LYS D 43 28.88 -22.80 5.71
N ARG D 44 29.83 -22.62 4.83
CA ARG D 44 30.51 -21.35 4.82
C ARG D 44 29.72 -20.40 3.92
N LEU D 45 29.76 -19.13 4.31
CA LEU D 45 29.15 -18.06 3.54
C LEU D 45 30.19 -17.26 2.76
N GLU D 46 29.95 -17.05 1.46
CA GLU D 46 30.84 -16.29 0.60
C GLU D 46 30.13 -15.29 -0.35
N TRP D 47 30.58 -14.04 -0.25
CA TRP D 47 30.02 -12.98 -1.04
C TRP D 47 30.42 -13.26 -2.48
N VAL D 48 29.47 -13.22 -3.40
CA VAL D 48 29.73 -13.59 -4.76
C VAL D 48 29.75 -12.41 -5.79
N ALA D 49 28.96 -11.38 -5.55
CA ALA D 49 28.80 -10.27 -6.51
C ALA D 49 27.85 -9.28 -5.90
N THR D 50 28.09 -8.02 -6.26
CA THR D 50 27.31 -6.84 -5.90
C THR D 50 27.16 -5.92 -7.12
N ILE D 51 25.94 -5.45 -7.38
CA ILE D 51 25.71 -4.40 -8.36
C ILE D 51 25.23 -3.09 -7.71
N SER D 52 25.69 -1.97 -8.26
CA SER D 52 25.31 -0.63 -7.78
C SER D 52 23.84 -0.41 -8.09
N SER D 53 23.21 0.56 -7.41
CA SER D 53 21.78 0.89 -7.68
C SER D 53 21.55 1.36 -9.12
N GLY D 54 22.35 2.34 -9.55
CA GLY D 54 22.29 2.90 -10.92
C GLY D 54 22.64 1.89 -11.98
N GLY D 55 23.64 2.21 -12.78
CA GLY D 55 24.19 1.26 -13.75
C GLY D 55 25.52 0.61 -13.35
N TYR D 57 28.17 -0.12 -12.01
CA TYR D 57 29.34 -0.53 -11.24
C TYR D 57 29.11 -1.89 -10.59
N THR D 58 29.98 -2.81 -10.93
CA THR D 58 29.91 -4.18 -10.43
C THR D 58 31.17 -4.55 -9.69
N TYR D 59 31.00 -5.49 -8.77
CA TYR D 59 32.07 -5.91 -7.92
C TYR D 59 32.04 -7.44 -7.86
N TYR D 60 33.24 -8.02 -7.76
CA TYR D 60 33.45 -9.47 -7.63
C TYR D 60 34.73 -9.76 -6.86
N PRO D 61 34.75 -10.94 -6.18
CA PRO D 61 36.01 -11.55 -5.70
C PRO D 61 36.77 -12.17 -6.88
N ASP D 62 38.11 -12.36 -6.73
CA ASP D 62 38.94 -12.94 -7.80
C ASP D 62 38.37 -14.29 -8.24
N SER D 63 37.90 -15.03 -7.26
CA SER D 63 37.41 -16.41 -7.43
C SER D 63 36.27 -16.61 -8.45
N VAL D 64 35.50 -15.54 -8.70
CA VAL D 64 34.41 -15.58 -9.69
C VAL D 64 34.60 -14.57 -10.83
N LYS D 65 35.47 -13.58 -10.62
CA LYS D 65 35.73 -12.55 -11.64
C LYS D 65 35.75 -13.20 -13.01
N GLY D 66 34.85 -12.80 -13.90
CA GLY D 66 34.94 -13.22 -15.31
C GLY D 66 34.05 -14.38 -15.71
N ARG D 67 33.83 -15.30 -14.78
CA ARG D 67 32.90 -16.38 -15.09
C ARG D 67 31.45 -16.02 -14.70
N PHE D 68 31.30 -15.21 -13.65
CA PHE D 68 29.95 -14.84 -13.16
C PHE D 68 29.57 -13.41 -13.55
N THR D 69 28.32 -13.22 -13.96
CA THR D 69 27.83 -11.88 -14.28
C THR D 69 26.54 -11.46 -13.54
N ILE D 70 26.66 -10.42 -12.70
CA ILE D 70 25.48 -9.79 -12.06
C ILE D 70 24.89 -8.70 -12.96
N SER D 71 23.55 -8.70 -13.07
CA SER D 71 22.82 -7.72 -13.80
C SER D 71 21.38 -7.60 -13.24
N LYS D 72 20.72 -6.54 -13.65
CA LYS D 72 19.44 -6.09 -13.09
C LYS D 72 18.57 -5.76 -14.28
N ASP D 73 17.31 -6.13 -14.21
CA ASP D 73 16.28 -5.59 -15.05
C ASP D 73 15.33 -4.73 -14.15
N ASN D 74 15.71 -3.47 -13.93
CA ASN D 74 14.94 -2.51 -13.12
C ASN D 74 13.45 -2.50 -13.48
N ALA D 75 13.12 -2.52 -14.74
CA ALA D 75 11.71 -2.56 -15.11
C ALA D 75 11.00 -3.84 -14.68
N ARG D 76 11.73 -4.94 -14.55
CA ARG D 76 11.07 -6.19 -14.11
C ARG D 76 11.22 -6.41 -12.60
N ASN D 77 11.93 -5.48 -11.93
CA ASN D 77 12.26 -5.62 -10.52
C ASN D 77 12.99 -6.95 -10.23
N THR D 78 13.96 -7.29 -11.09
CA THR D 78 14.60 -8.62 -11.11
C THR D 78 16.11 -8.52 -11.21
N LEU D 79 16.78 -9.17 -10.25
CA LEU D 79 18.23 -9.32 -10.23
C LEU D 79 18.59 -10.68 -10.86
N TYR D 80 19.76 -10.71 -11.48
CA TYR D 80 20.30 -11.87 -12.24
C TYR D 80 21.74 -12.13 -11.87
N LEU D 81 22.11 -13.40 -12.00
CA LEU D 81 23.47 -13.89 -11.84
C LEU D 81 23.67 -14.88 -12.94
N GLN D 82 24.44 -14.46 -13.94
CA GLN D 82 24.88 -15.31 -15.06
C GLN D 82 26.02 -16.18 -14.58
N MET D 83 25.80 -17.48 -14.57
CA MET D 83 26.86 -18.40 -14.15
C MET D 83 27.39 -19.18 -15.37
N SER D 84 28.69 -19.06 -15.67
CA SER D 84 29.31 -19.88 -16.75
C SER D 84 30.63 -20.55 -16.30
N SER D 85 31.19 -21.44 -17.14
CA SER D 85 32.49 -22.08 -16.85
C SER D 85 32.53 -22.66 -15.45
N LEU D 86 31.48 -23.40 -15.12
CA LEU D 86 31.21 -23.76 -13.74
C LEU D 86 32.07 -24.92 -13.29
N ARG D 87 32.55 -24.86 -12.04
CA ARG D 87 33.31 -25.97 -11.46
C ARG D 87 32.51 -26.60 -10.32
N SER D 88 32.74 -27.91 -10.15
CA SER D 88 32.37 -28.65 -8.94
C SER D 88 32.23 -27.77 -7.68
N GLY D 89 33.20 -26.89 -7.44
CA GLY D 89 33.22 -26.06 -6.25
C GLY D 89 32.35 -24.80 -6.24
N ASP D 90 31.47 -24.66 -7.25
CA ASP D 90 30.50 -23.58 -7.34
C ASP D 90 29.18 -24.18 -6.86
N THR D 91 29.21 -25.48 -6.52
CA THR D 91 27.97 -26.08 -6.03
C THR D 91 27.72 -25.54 -4.63
N ALA D 92 26.48 -25.09 -4.45
CA ALA D 92 26.13 -24.27 -3.29
C ALA D 92 24.67 -23.82 -3.32
N LEU D 93 24.29 -23.29 -2.16
CA LEU D 93 23.01 -22.65 -1.93
C LEU D 93 23.26 -21.15 -2.23
N TYR D 94 22.57 -20.60 -3.22
CA TYR D 94 22.77 -19.18 -3.63
C TYR D 94 21.65 -18.24 -3.14
N TYR D 95 22.03 -17.23 -2.41
CA TYR D 95 21.07 -16.24 -1.91
C TYR D 95 21.23 -14.92 -2.67
N CYS D 96 20.14 -14.29 -3.10
CA CYS D 96 20.24 -12.81 -3.33
C CYS D 96 19.94 -12.09 -2.06
N THR D 97 20.52 -10.93 -1.88
CA THR D 97 20.33 -10.10 -0.73
C THR D 97 20.38 -8.61 -1.17
N ARG D 98 19.77 -7.77 -0.35
CA ARG D 98 19.72 -6.36 -0.55
C ARG D 98 20.68 -5.70 0.40
N PHE D 99 21.43 -4.77 -0.13
CA PHE D 99 22.46 -4.04 0.59
C PHE D 99 22.01 -2.67 1.02
N ARG D 100 22.40 -2.24 2.19
CA ARG D 100 22.06 -0.93 2.66
C ARG D 100 23.30 -0.16 2.91
N TYR D 101 23.37 1.03 2.35
CA TYR D 101 24.52 1.86 2.56
C TYR D 101 24.47 2.49 3.90
N ASP D 102 23.31 2.61 4.47
CA ASP D 102 23.24 3.23 5.79
C ASP D 102 23.72 2.28 6.90
N GLY D 103 24.91 1.72 6.71
CA GLY D 103 25.40 0.69 7.63
C GLY D 103 26.27 -0.34 6.96
N TRP D 104 26.11 -0.48 5.63
CA TRP D 104 26.88 -1.44 4.84
C TRP D 104 26.57 -2.91 5.22
N TYR D 105 25.27 -3.20 5.33
CA TYR D 105 24.83 -4.51 5.72
C TYR D 105 23.85 -5.08 4.70
N PHE D 106 23.50 -6.36 4.86
CA PHE D 106 22.45 -7.01 4.07
C PHE D 106 21.21 -7.20 4.93
N ASP D 107 20.09 -6.61 4.52
CA ASP D 107 18.89 -6.72 5.36
C ASP D 107 17.89 -7.76 4.92
N VAL D 108 17.54 -7.75 3.64
CA VAL D 108 16.55 -8.69 3.15
C VAL D 108 17.32 -9.73 2.33
N TRP D 109 16.96 -11.00 2.49
CA TRP D 109 17.60 -12.15 1.84
C TRP D 109 16.51 -12.92 1.16
N GLY D 110 16.79 -13.47 -0.03
CA GLY D 110 15.83 -14.42 -0.66
C GLY D 110 15.83 -15.77 0.07
N GLN D 111 15.04 -16.72 -0.40
CA GLN D 111 14.95 -18.00 0.31
C GLN D 111 16.08 -18.97 -0.12
N GLY D 112 16.80 -18.60 -1.19
CA GLY D 112 17.97 -19.30 -1.65
C GLY D 112 17.63 -20.27 -2.77
N THR D 113 18.57 -20.47 -3.71
CA THR D 113 18.37 -21.49 -4.76
C THR D 113 19.66 -22.35 -4.88
N THR D 114 19.48 -23.65 -5.03
CA THR D 114 20.58 -24.58 -4.94
C THR D 114 21.11 -24.88 -6.34
N VAL D 115 22.43 -24.76 -6.49
CA VAL D 115 23.14 -25.14 -7.69
C VAL D 115 24.07 -26.31 -7.41
N THR D 116 23.85 -27.38 -8.17
CA THR D 116 24.70 -28.59 -8.12
C THR D 116 25.47 -28.72 -9.43
N VAL D 117 26.79 -28.62 -9.35
CA VAL D 117 27.60 -28.91 -10.51
C VAL D 117 28.04 -30.40 -10.51
N SER D 118 27.40 -31.19 -11.36
CA SER D 118 27.72 -32.62 -11.41
C SER D 118 27.63 -33.21 -12.84
N SER D 119 28.43 -34.25 -13.11
CA SER D 119 28.33 -35.00 -14.38
C SER D 119 27.12 -35.96 -14.40
N ALA D 120 26.67 -36.42 -13.24
CA ALA D 120 25.54 -37.33 -13.23
C ALA D 120 24.22 -36.75 -13.76
N SER D 121 23.34 -37.62 -14.25
CA SER D 121 22.02 -37.17 -14.53
C SER D 121 21.11 -37.21 -13.29
N THR D 122 20.06 -36.37 -13.34
CA THR D 122 19.00 -36.39 -12.34
C THR D 122 18.36 -37.75 -12.23
N LYS D 123 18.06 -38.15 -11.01
CA LYS D 123 17.18 -39.28 -10.76
C LYS D 123 16.16 -38.90 -9.68
N GLY D 124 14.92 -39.31 -9.91
CA GLY D 124 13.81 -39.04 -9.04
C GLY D 124 13.55 -40.13 -8.02
N PRO D 125 13.10 -39.70 -6.83
CA PRO D 125 12.95 -40.60 -5.70
C PRO D 125 11.72 -41.46 -5.76
N SER D 126 11.79 -42.62 -5.11
CA SER D 126 10.62 -43.40 -4.76
C SER D 126 10.22 -43.05 -3.35
N VAL D 127 8.91 -42.91 -3.13
CA VAL D 127 8.39 -42.54 -1.84
C VAL D 127 7.67 -43.76 -1.22
N PHE D 128 8.12 -44.21 -0.03
CA PHE D 128 7.48 -45.34 0.62
C PHE D 128 6.92 -45.01 2.02
N PRO D 129 5.84 -45.72 2.41
CA PRO D 129 5.35 -45.39 3.74
C PRO D 129 6.16 -45.97 4.91
N LEU D 130 6.20 -45.20 6.00
CA LEU D 130 6.58 -45.69 7.32
C LEU D 130 5.29 -45.63 8.17
N ALA D 131 4.62 -46.77 8.29
CA ALA D 131 3.24 -46.82 8.74
C ALA D 131 3.17 -46.94 10.25
N PRO D 132 2.28 -46.17 10.89
CA PRO D 132 2.16 -46.27 12.34
C PRO D 132 1.67 -47.68 12.69
N SER D 133 2.12 -48.22 13.82
CA SER D 133 1.84 -49.65 14.14
C SER D 133 0.74 -49.83 15.15
N SER D 138 3.97 -46.18 21.70
CA SER D 138 4.76 -45.64 22.81
C SER D 138 3.94 -44.58 23.53
N GLY D 139 3.43 -44.94 24.71
CA GLY D 139 2.49 -44.10 25.42
C GLY D 139 1.17 -44.01 24.66
N GLY D 140 0.75 -42.78 24.37
CA GLY D 140 -0.44 -42.52 23.55
C GLY D 140 -0.09 -41.73 22.30
N THR D 141 1.17 -41.75 21.89
CA THR D 141 1.55 -41.16 20.62
C THR D 141 2.25 -42.16 19.67
N ALA D 142 1.81 -42.12 18.42
CA ALA D 142 2.32 -42.99 17.38
C ALA D 142 3.32 -42.23 16.52
N ALA D 143 4.22 -42.97 15.87
CA ALA D 143 5.15 -42.35 14.91
C ALA D 143 4.79 -42.84 13.53
N LEU D 144 4.90 -41.98 12.55
CA LEU D 144 4.69 -42.43 11.18
C LEU D 144 5.55 -41.55 10.34
N GLY D 145 5.73 -41.90 9.07
CA GLY D 145 6.56 -41.09 8.17
C GLY D 145 6.63 -41.61 6.73
N CYS D 146 7.48 -40.99 5.93
CA CYS D 146 7.80 -41.42 4.60
C CYS D 146 9.31 -41.58 4.38
N LEU D 147 9.67 -42.54 3.56
CA LEU D 147 11.02 -42.74 3.19
C LEU D 147 11.16 -42.33 1.77
N VAL D 148 12.06 -41.37 1.53
CA VAL D 148 12.31 -40.81 0.22
C VAL D 148 13.67 -41.29 -0.22
N LYS D 149 13.66 -42.41 -0.92
CA LYS D 149 14.88 -43.22 -1.32
C LYS D 149 15.44 -43.02 -2.74
N ASP D 150 16.75 -42.81 -2.90
CA ASP D 150 17.47 -42.95 -4.18
C ASP D 150 17.22 -41.87 -5.24
N TYR D 151 17.73 -40.68 -4.95
CA TYR D 151 17.46 -39.52 -5.76
C TYR D 151 18.76 -38.81 -5.93
N PHE D 152 18.80 -37.92 -6.93
CA PHE D 152 19.93 -37.05 -7.13
C PHE D 152 19.46 -35.94 -8.05
N PRO D 153 19.96 -34.70 -7.88
CA PRO D 153 20.76 -34.22 -6.76
C PRO D 153 19.88 -33.76 -5.56
N GLU D 154 20.49 -33.12 -4.57
CA GLU D 154 19.77 -32.45 -3.49
C GLU D 154 19.28 -31.13 -4.09
N PRO D 155 18.24 -30.48 -3.49
CA PRO D 155 17.43 -30.82 -2.30
C PRO D 155 16.14 -31.53 -2.62
N VAL D 156 15.56 -32.17 -1.61
CA VAL D 156 14.19 -32.64 -1.65
C VAL D 156 13.48 -31.87 -0.55
N THR D 157 12.20 -31.51 -0.77
CA THR D 157 11.37 -30.92 0.28
C THR D 157 10.21 -31.82 0.61
N VAL D 158 9.87 -31.87 1.90
CA VAL D 158 8.75 -32.65 2.39
C VAL D 158 7.84 -31.80 3.27
N SER D 159 6.56 -31.84 2.99
CA SER D 159 5.63 -31.15 3.86
C SER D 159 4.62 -32.20 4.31
N TRP D 160 3.91 -31.97 5.41
CA TRP D 160 2.80 -32.88 5.77
C TRP D 160 1.41 -32.24 5.66
N ASN D 161 0.43 -33.08 5.33
CA ASN D 161 -0.94 -32.63 5.04
C ASN D 161 -0.96 -31.20 4.48
N SER D 162 -0.17 -30.96 3.42
CA SER D 162 -0.04 -29.69 2.72
C SER D 162 0.45 -28.48 3.56
N GLY D 163 1.11 -28.76 4.70
CA GLY D 163 1.62 -27.69 5.58
C GLY D 163 0.71 -27.44 6.77
N ALA D 164 -0.38 -28.19 6.87
CA ALA D 164 -1.28 -28.00 8.01
C ALA D 164 -0.77 -28.78 9.23
N LEU D 165 -0.13 -29.93 9.00
CA LEU D 165 0.59 -30.58 10.08
C LEU D 165 2.09 -30.18 10.11
N THR D 166 2.54 -29.51 11.17
CA THR D 166 3.98 -29.16 11.33
C THR D 166 4.53 -29.49 12.71
N SER D 167 3.65 -29.57 13.70
CA SER D 167 4.06 -29.93 15.04
C SER D 167 4.41 -31.43 15.09
N GLY D 168 5.50 -31.74 15.76
CA GLY D 168 6.07 -33.09 15.79
C GLY D 168 6.74 -33.63 14.51
N VAL D 169 6.85 -32.82 13.43
CA VAL D 169 7.51 -33.23 12.18
C VAL D 169 9.07 -33.16 12.28
N HIS D 170 9.74 -34.29 12.06
CA HIS D 170 11.19 -34.25 11.85
C HIS D 170 11.55 -34.78 10.44
N THR D 171 12.15 -33.91 9.64
CA THR D 171 12.67 -34.24 8.33
C THR D 171 14.18 -34.21 8.39
N PHE D 172 14.81 -35.37 8.22
CA PHE D 172 16.26 -35.61 8.46
C PHE D 172 17.17 -35.26 7.30
N PRO D 173 18.42 -34.82 7.59
CA PRO D 173 19.35 -34.59 6.47
C PRO D 173 19.47 -35.85 5.58
N ALA D 174 19.74 -35.62 4.31
CA ALA D 174 19.89 -36.67 3.35
C ALA D 174 21.15 -37.50 3.63
N VAL D 175 21.07 -38.82 3.47
CA VAL D 175 22.29 -39.62 3.57
C VAL D 175 22.71 -40.16 2.19
N LEU D 176 23.98 -40.53 2.04
CA LEU D 176 24.45 -41.13 0.76
C LEU D 176 24.39 -42.65 0.79
N GLN D 177 23.70 -43.26 -0.16
CA GLN D 177 23.90 -44.69 -0.40
C GLN D 177 25.25 -44.97 -1.07
N SER D 178 25.70 -46.22 -1.06
CA SER D 178 26.96 -46.56 -1.76
C SER D 178 26.84 -46.45 -3.28
N SER D 179 25.60 -46.46 -3.78
CA SER D 179 25.31 -46.20 -5.18
C SER D 179 25.52 -44.74 -5.52
N GLY D 180 25.75 -43.89 -4.50
CA GLY D 180 25.96 -42.45 -4.71
C GLY D 180 24.71 -41.58 -4.98
N LEU D 181 23.53 -42.11 -4.69
CA LEU D 181 22.29 -41.43 -4.80
C LEU D 181 21.91 -41.14 -3.33
N TYR D 182 20.83 -40.38 -3.11
CA TYR D 182 20.55 -39.96 -1.76
C TYR D 182 19.30 -40.60 -1.26
N SER D 183 19.19 -40.66 0.06
CA SER D 183 17.95 -40.99 0.71
C SER D 183 17.64 -40.03 1.91
N LEU D 184 16.37 -39.76 2.17
CA LEU D 184 15.99 -39.10 3.42
C LEU D 184 14.67 -39.67 4.00
N SER D 185 14.50 -39.50 5.31
CA SER D 185 13.30 -39.86 6.02
C SER D 185 12.62 -38.58 6.50
N SER D 186 11.30 -38.66 6.66
CA SER D 186 10.54 -37.65 7.29
C SER D 186 9.48 -38.30 8.11
N VAL D 187 9.39 -37.84 9.34
CA VAL D 187 8.52 -38.46 10.30
C VAL D 187 7.70 -37.42 11.02
N VAL D 188 6.64 -37.88 11.66
CA VAL D 188 5.81 -37.03 12.54
C VAL D 188 5.21 -37.95 13.58
N THR D 189 5.12 -37.43 14.79
CA THR D 189 4.58 -38.15 15.92
C THR D 189 3.21 -37.49 16.17
N VAL D 190 2.19 -38.36 16.28
CA VAL D 190 0.79 -37.93 16.40
C VAL D 190 0.09 -38.74 17.51
N PRO D 191 -0.99 -38.18 18.14
CA PRO D 191 -1.74 -39.01 19.07
C PRO D 191 -2.11 -40.33 18.39
N SER D 192 -1.85 -41.42 19.10
CA SER D 192 -2.25 -42.77 18.70
C SER D 192 -3.74 -42.80 18.42
N SER D 193 -4.50 -42.09 19.22
CA SER D 193 -5.94 -42.18 19.15
C SER D 193 -6.45 -41.31 18.06
N SER D 194 -5.61 -40.95 17.11
CA SER D 194 -6.07 -40.09 16.05
C SER D 194 -5.92 -40.78 14.74
N LEU D 195 -5.60 -42.05 14.78
CA LEU D 195 -5.30 -42.75 13.55
C LEU D 195 -6.53 -42.99 12.68
N GLY D 196 -7.72 -42.99 13.27
CA GLY D 196 -8.92 -43.20 12.50
C GLY D 196 -9.36 -41.90 11.88
N THR D 197 -9.62 -40.94 12.73
CA THR D 197 -9.95 -39.62 12.26
C THR D 197 -8.95 -39.19 11.23
N GLN D 198 -7.98 -38.40 11.64
CA GLN D 198 -7.05 -37.75 10.73
C GLN D 198 -6.43 -38.64 9.67
N THR D 199 -6.17 -38.04 8.52
CA THR D 199 -5.51 -38.65 7.39
C THR D 199 -4.12 -38.07 7.27
N TYR D 200 -3.12 -38.90 7.03
CA TYR D 200 -1.74 -38.42 6.94
C TYR D 200 -1.12 -38.58 5.60
N ILE D 201 -0.74 -37.45 5.02
CA ILE D 201 -0.21 -37.40 3.68
C ILE D 201 1.11 -36.64 3.68
N CYS D 202 2.17 -37.28 3.19
CA CYS D 202 3.46 -36.62 3.04
C CYS D 202 3.61 -36.14 1.60
N ASN D 203 3.94 -34.86 1.50
CA ASN D 203 4.05 -34.13 0.27
C ASN D 203 5.49 -33.99 -0.12
N VAL D 204 5.92 -34.78 -1.09
CA VAL D 204 7.36 -34.80 -1.48
C VAL D 204 7.65 -34.17 -2.82
N ASN D 205 8.71 -33.39 -2.88
CA ASN D 205 9.01 -32.69 -4.10
C ASN D 205 10.49 -32.64 -4.40
N HIS D 206 10.84 -33.09 -5.61
CA HIS D 206 12.21 -33.08 -6.11
C HIS D 206 12.06 -32.33 -7.39
N LYS D 207 12.35 -31.03 -7.31
CA LYS D 207 12.34 -30.15 -8.47
C LYS D 207 13.12 -30.75 -9.66
N PRO D 208 14.42 -31.06 -9.46
CA PRO D 208 15.27 -31.39 -10.63
C PRO D 208 14.76 -32.57 -11.47
N SER D 209 13.89 -33.40 -10.91
CA SER D 209 13.31 -34.49 -11.68
C SER D 209 11.82 -34.31 -11.93
N ASN D 210 11.31 -33.11 -11.63
CA ASN D 210 9.88 -32.78 -11.75
C ASN D 210 9.02 -33.82 -11.05
N THR D 211 9.56 -34.49 -10.04
CA THR D 211 8.78 -35.45 -9.26
C THR D 211 7.99 -34.71 -8.17
N LYS D 212 6.68 -34.96 -8.09
CA LYS D 212 5.84 -34.44 -7.01
C LYS D 212 4.96 -35.57 -6.52
N VAL D 213 5.13 -35.97 -5.26
CA VAL D 213 4.44 -37.16 -4.75
C VAL D 213 3.70 -36.85 -3.46
N ASP D 214 2.45 -37.27 -3.39
CA ASP D 214 1.63 -37.13 -2.19
C ASP D 214 1.25 -38.55 -1.76
N LYS D 215 1.96 -39.12 -0.77
CA LYS D 215 1.61 -40.43 -0.19
C LYS D 215 0.77 -40.32 1.06
N ARG D 216 -0.36 -41.02 1.09
CA ARG D 216 -1.15 -41.18 2.30
C ARG D 216 -0.53 -42.33 3.09
N VAL D 217 -0.30 -42.11 4.37
CA VAL D 217 0.33 -43.18 5.09
C VAL D 217 -0.67 -43.78 6.00
N GLU D 218 -0.92 -45.05 5.73
CA GLU D 218 -1.96 -45.81 6.38
C GLU D 218 -1.28 -46.70 7.37
N PRO D 219 -1.92 -46.92 8.54
CA PRO D 219 -1.45 -47.90 9.54
C PRO D 219 -1.82 -49.35 9.19
N VAL E 2 26.98 26.88 0.49
CA VAL E 2 26.90 26.75 -1.00
C VAL E 2 25.66 27.42 -1.65
N LEU E 3 25.96 28.39 -2.51
CA LEU E 3 25.00 29.07 -3.32
C LEU E 3 24.75 28.19 -4.50
N MET E 4 23.50 27.94 -4.77
CA MET E 4 23.12 27.20 -5.94
C MET E 4 22.33 28.17 -6.75
N THR E 5 22.86 28.52 -7.89
CA THR E 5 22.27 29.56 -8.67
C THR E 5 21.81 28.96 -9.96
N GLN E 6 20.53 29.03 -10.23
CA GLN E 6 19.96 28.43 -11.40
C GLN E 6 19.71 29.44 -12.47
N THR E 7 19.71 28.99 -13.69
CA THR E 7 19.65 29.88 -14.79
C THR E 7 18.97 29.13 -15.90
N PRO E 8 17.90 29.66 -16.46
CA PRO E 8 17.30 30.93 -16.13
C PRO E 8 16.21 30.78 -15.11
N LEU E 9 15.61 31.89 -14.71
CA LEU E 9 14.52 31.86 -13.77
C LEU E 9 13.21 31.30 -14.30
N SER E 10 12.90 31.57 -15.55
CA SER E 10 11.70 31.11 -16.15
C SER E 10 12.13 30.65 -17.53
N LEU E 11 11.55 29.55 -18.03
CA LEU E 11 12.02 28.89 -19.26
C LEU E 11 10.77 28.55 -20.07
N PRO E 12 10.38 29.44 -20.98
CA PRO E 12 9.21 29.06 -21.78
C PRO E 12 9.70 28.21 -22.92
N VAL E 13 8.98 27.14 -23.21
CA VAL E 13 9.39 26.18 -24.24
C VAL E 13 8.12 25.78 -24.93
N SER E 14 8.20 25.34 -26.19
CA SER E 14 7.05 24.71 -26.87
C SER E 14 7.06 23.22 -26.60
N LEU E 15 5.88 22.62 -26.63
CA LEU E 15 5.72 21.18 -26.44
C LEU E 15 6.52 20.46 -27.51
N GLY E 16 7.21 19.39 -27.10
CA GLY E 16 8.02 18.59 -28.03
C GLY E 16 9.41 19.15 -28.28
N ASP E 17 9.64 20.38 -27.86
CA ASP E 17 10.96 20.95 -27.99
C ASP E 17 11.82 20.62 -26.78
N GLN E 18 13.05 21.10 -26.82
CA GLN E 18 14.13 20.68 -25.92
C GLN E 18 14.44 21.81 -24.96
N ALA E 19 14.31 21.53 -23.64
CA ALA E 19 14.62 22.49 -22.56
C ALA E 19 15.90 22.10 -21.83
N SER E 20 16.66 23.10 -21.39
CA SER E 20 17.85 22.89 -20.58
C SER E 20 18.01 23.96 -19.45
N ILE E 21 18.34 23.49 -18.27
CA ILE E 21 18.48 24.35 -17.13
C ILE E 21 19.86 24.15 -16.59
N SER E 22 20.52 25.24 -16.29
CA SER E 22 21.83 25.14 -15.72
C SER E 22 21.76 25.66 -14.29
N CYS E 23 22.67 25.16 -13.49
CA CYS E 23 22.75 25.52 -12.12
C CYS E 23 24.25 25.52 -11.85
N ARG E 24 24.73 26.56 -11.16
CA ARG E 24 26.14 26.60 -10.85
C ARG E 24 26.33 26.78 -9.33
N SER E 25 27.30 26.10 -8.77
CA SER E 25 27.57 26.22 -7.36
C SER E 25 28.69 27.22 -7.06
N SER E 26 28.57 28.00 -5.98
CA SER E 26 29.72 28.65 -5.31
C SER E 26 30.97 27.78 -5.32
N GLN E 27 30.94 26.70 -4.55
CA GLN E 27 32.09 25.85 -4.33
C GLN E 27 31.94 24.58 -5.17
N SER E 28 33.07 23.94 -5.51
CA SER E 28 33.06 22.59 -6.04
C SER E 28 32.16 21.75 -5.10
N ILE E 29 31.43 20.79 -5.67
CA ILE E 29 30.51 19.98 -4.89
C ILE E 29 30.83 18.49 -5.09
N VAL E 30 32.05 18.24 -5.57
CA VAL E 30 32.62 16.90 -5.72
C VAL E 30 33.25 16.46 -4.40
N HIS E 31 32.42 15.83 -3.54
CA HIS E 31 32.82 15.30 -2.23
C HIS E 31 33.29 13.85 -2.33
N GLY E 34 35.27 11.45 -4.56
CA GLY E 34 34.97 11.30 -5.99
C GLY E 34 33.47 11.18 -6.29
N ASN E 35 32.65 11.39 -5.26
CA ASN E 35 31.20 11.44 -5.40
C ASN E 35 30.75 12.87 -5.54
N THR E 36 29.98 13.14 -6.57
CA THR E 36 29.40 14.48 -6.63
C THR E 36 27.87 14.43 -6.37
N PHE E 37 27.42 14.94 -5.23
CA PHE E 37 26.01 14.67 -4.84
C PHE E 37 25.09 15.82 -5.31
N LEU E 38 24.89 15.87 -6.63
CA LEU E 38 24.07 16.91 -7.19
C LEU E 38 22.80 16.29 -7.73
N GLU E 39 21.67 16.96 -7.45
CA GLU E 39 20.33 16.42 -7.70
C GLU E 39 19.34 17.45 -8.32
N TRP E 40 18.34 16.91 -9.00
CA TRP E 40 17.31 17.70 -9.62
C TRP E 40 16.01 17.20 -9.12
N TYR E 41 15.23 18.15 -8.62
CA TYR E 41 13.89 17.85 -8.19
C TYR E 41 12.94 18.66 -9.07
N LEU E 42 11.76 18.09 -9.27
CA LEU E 42 10.60 18.76 -9.87
C LEU E 42 9.40 18.88 -8.88
N GLN E 43 8.90 20.10 -8.69
CA GLN E 43 7.65 20.25 -7.98
C GLN E 43 6.57 20.76 -8.94
N LYS E 44 5.56 19.93 -9.15
CA LYS E 44 4.40 20.26 -9.97
C LYS E 44 3.50 21.07 -9.06
N PRO E 45 2.68 21.99 -9.66
CA PRO E 45 1.76 22.85 -8.87
C PRO E 45 0.88 21.96 -7.94
N GLY E 46 0.80 22.33 -6.68
CA GLY E 46 -0.01 21.59 -5.70
C GLY E 46 0.55 20.25 -5.22
N GLN E 47 1.84 20.00 -5.42
CA GLN E 47 2.41 18.71 -5.03
C GLN E 47 3.72 18.96 -4.35
N SER E 48 4.20 17.96 -3.64
CA SER E 48 5.57 17.99 -3.14
C SER E 48 6.70 17.82 -4.20
N PRO E 49 7.95 18.31 -3.90
CA PRO E 49 9.09 18.01 -4.82
C PRO E 49 9.26 16.51 -4.96
N LYS E 50 9.84 16.08 -6.07
CA LYS E 50 10.08 14.68 -6.37
C LYS E 50 11.32 14.64 -7.23
N LEU E 51 12.13 13.62 -6.95
CA LEU E 51 13.46 13.47 -7.41
C LEU E 51 13.42 13.04 -8.84
N LEU E 52 14.28 13.65 -9.64
CA LEU E 52 14.50 13.27 -11.03
C LEU E 52 15.84 12.57 -11.27
N ILE E 53 16.90 13.15 -10.73
CA ILE E 53 18.22 12.81 -11.11
C ILE E 53 19.06 13.01 -9.86
N TYR E 54 19.95 12.08 -9.56
CA TYR E 54 20.93 12.16 -8.45
C TYR E 54 22.29 11.73 -8.98
N LYS E 55 23.31 11.91 -8.14
CA LYS E 55 24.70 11.83 -8.54
C LYS E 55 24.96 12.35 -9.98
N VAL E 56 24.49 13.57 -10.22
CA VAL E 56 24.66 14.33 -11.44
C VAL E 56 23.85 13.88 -12.63
N SER E 57 23.72 12.55 -12.85
CA SER E 57 23.16 12.02 -14.11
C SER E 57 22.37 10.74 -13.99
N ASN E 58 22.17 10.25 -12.78
CA ASN E 58 21.34 9.07 -12.56
C ASN E 58 19.88 9.42 -12.48
N ARG E 59 19.05 8.71 -13.26
CA ARG E 59 17.61 8.90 -13.16
C ARG E 59 17.10 8.14 -11.96
N PHE E 60 16.25 8.77 -11.14
CA PHE E 60 15.60 8.08 -10.05
C PHE E 60 14.61 7.10 -10.69
N SER E 61 14.10 6.12 -9.96
CA SER E 61 13.17 5.14 -10.59
C SER E 61 11.91 5.80 -11.09
N GLY E 62 11.50 5.44 -12.30
CA GLY E 62 10.25 5.97 -12.88
C GLY E 62 10.46 7.16 -13.80
N VAL E 63 11.61 7.82 -13.69
CA VAL E 63 11.82 9.01 -14.46
C VAL E 63 12.05 8.56 -15.89
N PRO E 64 11.25 9.10 -16.83
CA PRO E 64 11.40 8.82 -18.26
C PRO E 64 12.78 9.21 -18.78
N ASP E 65 13.30 8.44 -19.73
CA ASP E 65 14.62 8.73 -20.38
C ASP E 65 14.76 10.11 -21.03
N ARG E 66 13.64 10.78 -21.29
CA ARG E 66 13.62 12.17 -21.77
C ARG E 66 14.45 13.14 -20.91
N PHE E 67 14.76 12.75 -19.67
CA PHE E 67 15.47 13.63 -18.75
C PHE E 67 16.91 13.21 -18.57
N SER E 68 17.86 14.16 -18.62
CA SER E 68 19.25 13.82 -18.30
C SER E 68 19.98 14.94 -17.60
N GLY E 69 21.01 14.57 -16.86
CA GLY E 69 21.80 15.54 -16.14
C GLY E 69 23.24 15.24 -16.50
N SER E 70 24.08 16.25 -16.34
CA SER E 70 25.52 16.18 -16.59
C SER E 70 26.09 17.45 -15.98
N GLY E 71 27.39 17.65 -16.18
CA GLY E 71 28.09 18.86 -15.69
C GLY E 71 29.29 18.50 -14.81
N GLY E 73 32.11 20.20 -12.09
CA GLY E 73 32.48 20.48 -10.70
C GLY E 73 31.76 21.71 -10.14
N THR E 74 31.57 22.70 -11.01
CA THR E 74 30.81 23.93 -10.70
C THR E 74 29.59 24.16 -11.62
N ASP E 75 29.56 23.46 -12.76
CA ASP E 75 28.53 23.68 -13.77
C ASP E 75 27.65 22.48 -14.01
N PHE E 76 26.35 22.57 -13.71
CA PHE E 76 25.50 21.40 -13.98
C PHE E 76 24.26 21.78 -14.73
N THR E 77 23.80 20.83 -15.52
CA THR E 77 22.77 21.05 -16.49
C THR E 77 21.73 19.93 -16.46
N LEU E 78 20.46 20.30 -16.36
CA LEU E 78 19.36 19.36 -16.59
C LEU E 78 18.82 19.60 -17.99
N LYS E 79 18.66 18.53 -18.74
CA LYS E 79 18.17 18.60 -20.07
C LYS E 79 16.90 17.74 -20.17
N ILE E 80 15.84 18.30 -20.75
CA ILE E 80 14.58 17.57 -20.95
C ILE E 80 14.26 17.56 -22.42
N SER E 81 14.50 16.43 -23.07
CA SER E 81 14.09 16.26 -24.47
C SER E 81 12.59 16.06 -24.62
N ARG E 82 12.06 16.54 -25.74
CA ARG E 82 10.65 16.34 -26.03
C ARG E 82 9.76 16.69 -24.82
N VAL E 83 9.87 17.94 -24.35
CA VAL E 83 9.02 18.44 -23.25
C VAL E 83 7.56 18.12 -23.45
N GLU E 84 6.93 17.48 -22.45
CA GLU E 84 5.48 17.21 -22.49
C GLU E 84 4.74 18.11 -21.51
N ALA E 85 3.40 18.05 -21.54
CA ALA E 85 2.56 18.74 -20.57
C ALA E 85 2.83 18.35 -19.09
N GLU E 86 3.15 17.08 -18.88
CA GLU E 86 3.34 16.51 -17.54
C GLU E 86 4.73 16.91 -17.03
N ASP E 87 5.28 17.98 -17.55
CA ASP E 87 6.67 18.32 -17.27
C ASP E 87 6.77 19.68 -16.62
N LEU E 88 5.64 20.38 -16.63
CA LEU E 88 5.56 21.76 -16.18
C LEU E 88 5.53 21.83 -14.66
N GLY E 89 6.13 22.88 -14.12
CA GLY E 89 6.41 22.99 -12.72
C GLY E 89 7.75 23.67 -12.55
N VAL E 90 8.23 23.61 -11.31
CA VAL E 90 9.45 24.26 -10.89
C VAL E 90 10.52 23.20 -10.64
N TYR E 91 11.65 23.40 -11.31
CA TYR E 91 12.76 22.50 -11.24
C TYR E 91 13.74 23.07 -10.26
N TYR E 92 14.18 22.27 -9.30
CA TYR E 92 15.20 22.76 -8.33
C TYR E 92 16.44 21.91 -8.42
N CYS E 93 17.64 22.52 -8.52
CA CYS E 93 18.84 21.74 -8.23
C CYS E 93 19.06 21.74 -6.73
N PHE E 94 19.96 20.90 -6.24
CA PHE E 94 20.17 20.68 -4.82
C PHE E 94 21.52 19.94 -4.66
N GLN E 95 22.22 20.31 -3.61
CA GLN E 95 23.60 19.98 -3.34
C GLN E 95 23.60 19.33 -1.93
N ALA E 96 24.10 18.10 -1.83
CA ALA E 96 24.29 17.45 -0.51
C ALA E 96 25.74 17.03 -0.27
N SER E 97 26.67 17.58 -1.05
CA SER E 97 28.09 17.33 -0.83
C SER E 97 28.60 17.96 0.49
N HIS E 98 28.08 19.14 0.82
CA HIS E 98 28.55 19.96 1.94
C HIS E 98 27.39 20.35 2.82
N VAL E 99 27.63 20.37 4.14
CA VAL E 99 26.59 20.76 5.08
C VAL E 99 26.66 22.25 5.27
N PRO E 100 25.50 22.94 5.34
CA PRO E 100 24.14 22.36 5.13
C PRO E 100 23.83 22.03 3.66
N PRO E 101 23.04 20.95 3.39
CA PRO E 101 22.61 20.70 2.00
C PRO E 101 21.80 21.89 1.49
N THR E 102 21.96 22.25 0.23
CA THR E 102 21.24 23.41 -0.26
C THR E 102 20.56 23.22 -1.60
N PHE E 103 19.49 23.97 -1.79
CA PHE E 103 18.65 23.98 -2.97
C PHE E 103 18.88 25.26 -3.73
N GLY E 104 18.91 25.11 -5.04
CA GLY E 104 18.86 26.25 -5.95
C GLY E 104 17.54 27.00 -5.82
N SER E 105 17.42 28.08 -6.56
CA SER E 105 16.29 28.96 -6.26
C SER E 105 15.05 28.61 -7.07
N GLY E 106 15.18 27.72 -8.03
CA GLY E 106 14.03 27.22 -8.79
C GLY E 106 13.90 27.88 -10.14
N THR E 107 13.58 27.07 -11.14
CA THR E 107 13.31 27.47 -12.52
C THR E 107 11.92 26.97 -12.88
N LYS E 108 11.03 27.89 -13.25
CA LYS E 108 9.69 27.51 -13.71
C LYS E 108 9.68 27.16 -15.19
N LEU E 109 9.39 25.91 -15.55
CA LEU E 109 9.22 25.51 -16.96
C LEU E 109 7.80 25.82 -17.34
N GLU E 110 7.62 26.57 -18.44
CA GLU E 110 6.29 27.00 -18.91
C GLU E 110 6.14 26.85 -20.44
N ILE E 111 4.93 27.02 -20.90
CA ILE E 111 4.62 26.80 -22.31
C ILE E 111 4.62 28.12 -23.12
N LYS E 112 5.40 28.12 -24.20
CA LYS E 112 5.37 29.14 -25.27
C LYS E 112 4.10 29.00 -26.15
N ARG E 113 3.49 30.12 -26.47
CA ARG E 113 2.36 30.16 -27.35
C ARG E 113 2.32 31.50 -28.07
N THR E 114 1.39 31.69 -28.98
CA THR E 114 1.33 32.93 -29.72
C THR E 114 0.81 34.07 -28.88
N VAL E 115 1.13 35.30 -29.23
CA VAL E 115 0.50 36.45 -28.65
C VAL E 115 -1.00 36.35 -28.61
N ALA E 116 -1.58 36.77 -27.51
CA ALA E 116 -3.01 36.87 -27.36
C ALA E 116 -3.33 38.11 -26.58
N ALA E 117 -4.20 38.94 -27.09
CA ALA E 117 -4.52 40.15 -26.39
C ALA E 117 -5.59 39.94 -25.35
N PRO E 118 -5.52 40.63 -24.24
CA PRO E 118 -6.52 40.37 -23.23
C PRO E 118 -7.89 40.92 -23.64
N SER E 119 -8.95 40.21 -23.22
CA SER E 119 -10.29 40.80 -23.04
C SER E 119 -10.32 41.52 -21.68
N VAL E 120 -10.81 42.77 -21.70
CA VAL E 120 -10.72 43.71 -20.56
C VAL E 120 -12.11 44.01 -20.05
N PHE E 121 -12.27 43.95 -18.74
CA PHE E 121 -13.54 44.25 -18.11
C PHE E 121 -13.38 45.14 -16.86
N ILE E 122 -14.34 46.01 -16.61
CA ILE E 122 -14.34 46.82 -15.40
C ILE E 122 -15.64 46.58 -14.64
N PHE E 123 -15.49 46.58 -13.30
CA PHE E 123 -16.62 46.48 -12.37
C PHE E 123 -16.56 47.57 -11.32
N PRO E 124 -17.70 48.28 -11.16
CA PRO E 124 -17.88 49.17 -10.01
C PRO E 124 -18.09 48.37 -8.71
N PRO E 125 -17.84 49.03 -7.57
CA PRO E 125 -17.99 48.40 -6.26
C PRO E 125 -19.43 48.00 -6.07
N SER E 126 -19.66 46.88 -5.40
CA SER E 126 -21.01 46.50 -4.96
C SER E 126 -21.70 47.59 -4.07
N ASP E 127 -23.04 47.67 -4.18
CA ASP E 127 -23.87 48.44 -3.25
C ASP E 127 -23.61 48.02 -1.81
N GLU E 128 -23.60 46.71 -1.58
CA GLU E 128 -23.23 46.12 -0.28
C GLU E 128 -21.88 46.61 0.27
N GLN E 129 -20.86 46.69 -0.58
CA GLN E 129 -19.53 47.18 -0.14
C GLN E 129 -19.59 48.64 0.29
N LEU E 130 -20.30 49.46 -0.49
CA LEU E 130 -20.54 50.86 -0.14
C LEU E 130 -21.36 51.08 1.16
N LYS E 131 -22.07 50.05 1.62
CA LYS E 131 -22.76 50.07 2.93
C LYS E 131 -21.75 49.92 4.08
N SER E 132 -20.58 49.37 3.77
CA SER E 132 -19.60 49.04 4.81
C SER E 132 -18.50 50.09 4.93
N GLY E 133 -18.36 50.97 3.94
CA GLY E 133 -17.39 52.06 3.97
C GLY E 133 -16.31 52.07 2.90
N THR E 134 -16.30 51.01 2.08
CA THR E 134 -15.17 50.75 1.21
C THR E 134 -15.55 50.65 -0.27
N ALA E 135 -14.73 51.26 -1.12
CA ALA E 135 -14.93 51.18 -2.56
C ALA E 135 -13.81 50.38 -3.22
N SER E 136 -14.17 49.21 -3.73
CA SER E 136 -13.22 48.36 -4.47
C SER E 136 -13.59 48.32 -5.96
N VAL E 137 -12.81 49.02 -6.76
CA VAL E 137 -12.97 48.96 -8.24
C VAL E 137 -12.05 47.93 -8.90
N VAL E 138 -12.67 46.94 -9.56
CA VAL E 138 -12.01 45.80 -10.21
C VAL E 138 -11.87 45.93 -11.73
N CYS E 139 -10.70 45.53 -12.21
CA CYS E 139 -10.46 45.39 -13.62
C CYS E 139 -9.90 44.00 -13.96
N LEU E 140 -10.59 43.32 -14.87
CA LEU E 140 -10.21 41.98 -15.30
C LEU E 140 -9.60 41.89 -16.72
N LEU E 141 -8.41 41.28 -16.83
CA LEU E 141 -7.74 41.04 -18.10
C LEU E 141 -7.75 39.56 -18.33
N ASN E 142 -8.48 39.16 -19.35
CA ASN E 142 -8.72 37.78 -19.54
C ASN E 142 -8.04 37.20 -20.79
N ASN E 143 -7.44 36.05 -20.54
CA ASN E 143 -6.72 35.20 -21.44
C ASN E 143 -5.71 35.86 -22.40
N PHE E 144 -4.59 36.31 -21.84
CA PHE E 144 -3.62 36.97 -22.64
C PHE E 144 -2.26 36.23 -22.63
N TYR E 145 -1.42 36.57 -23.60
CA TYR E 145 -0.08 36.01 -23.65
C TYR E 145 0.76 37.00 -24.44
N PRO E 146 1.98 37.39 -23.95
CA PRO E 146 2.65 36.82 -22.76
C PRO E 146 2.18 37.50 -21.45
N ARG E 147 2.84 37.15 -20.33
CA ARG E 147 2.38 37.47 -19.00
C ARG E 147 2.39 38.98 -18.70
N GLU E 148 3.38 39.69 -19.25
CA GLU E 148 3.56 41.13 -19.02
C GLU E 148 2.38 41.95 -19.54
N ALA E 149 1.81 42.75 -18.66
CA ALA E 149 0.62 43.53 -18.90
C ALA E 149 0.66 44.62 -17.84
N LYS E 150 0.28 45.81 -18.26
CA LYS E 150 0.37 46.99 -17.45
C LYS E 150 -1.06 47.54 -17.33
N VAL E 151 -1.50 47.70 -16.09
CA VAL E 151 -2.76 48.38 -15.81
C VAL E 151 -2.43 49.71 -15.13
N GLN E 152 -3.07 50.77 -15.62
CA GLN E 152 -2.97 52.11 -15.06
C GLN E 152 -4.41 52.56 -14.74
N TRP E 153 -4.63 53.02 -13.52
CA TRP E 153 -5.94 53.42 -13.10
C TRP E 153 -6.02 54.94 -13.19
N LYS E 154 -7.18 55.46 -13.52
CA LYS E 154 -7.30 56.90 -13.66
C LYS E 154 -8.60 57.27 -12.98
N VAL E 155 -8.55 58.27 -12.11
CA VAL E 155 -9.75 58.64 -11.37
C VAL E 155 -10.03 60.08 -11.76
N ASP E 156 -11.16 60.31 -12.42
CA ASP E 156 -11.34 61.56 -13.17
C ASP E 156 -10.02 61.99 -13.83
N ASN E 157 -9.50 61.12 -14.70
CA ASN E 157 -8.29 61.34 -15.54
C ASN E 157 -6.94 61.66 -14.83
N ALA E 158 -6.90 61.56 -13.51
CA ALA E 158 -5.61 61.60 -12.81
C ALA E 158 -5.11 60.17 -12.56
N LEU E 159 -3.93 59.85 -13.11
CA LEU E 159 -3.26 58.55 -12.91
C LEU E 159 -2.94 58.31 -11.43
N GLN E 160 -3.18 57.07 -10.98
CA GLN E 160 -3.09 56.65 -9.56
C GLN E 160 -1.85 55.81 -9.21
N SER E 161 -1.31 56.05 -8.02
CA SER E 161 -0.16 55.31 -7.51
C SER E 161 -0.38 54.93 -6.05
N GLY E 162 0.08 53.73 -5.69
CA GLY E 162 0.07 53.25 -4.32
C GLY E 162 -1.23 52.72 -3.74
N ASN E 163 -2.31 52.72 -4.54
CA ASN E 163 -3.68 52.33 -4.07
C ASN E 163 -4.43 51.17 -4.85
N SER E 164 -3.67 50.26 -5.46
CA SER E 164 -4.24 49.05 -6.02
C SER E 164 -3.31 47.86 -5.80
N GLN E 165 -3.82 46.67 -6.09
CA GLN E 165 -2.92 45.57 -6.45
C GLN E 165 -3.51 44.65 -7.48
N GLU E 166 -2.63 43.77 -7.98
CA GLU E 166 -2.98 42.80 -8.99
C GLU E 166 -2.54 41.43 -8.51
N SER E 167 -3.18 40.40 -9.04
CA SER E 167 -2.59 39.10 -9.04
C SER E 167 -2.85 38.51 -10.37
N VAL E 168 -1.97 37.59 -10.72
CA VAL E 168 -2.02 36.91 -11.98
C VAL E 168 -2.15 35.40 -11.74
N THR E 169 -2.98 34.70 -12.52
CA THR E 169 -3.07 33.22 -12.43
C THR E 169 -1.84 32.50 -12.99
N GLU E 170 -1.69 31.23 -12.66
CA GLU E 170 -0.73 30.37 -13.35
C GLU E 170 -1.13 30.20 -14.82
N GLN E 171 -0.24 29.67 -15.64
CA GLN E 171 -0.62 29.45 -17.01
C GLN E 171 -1.93 28.63 -17.18
N ASP E 172 -2.79 29.03 -18.09
CA ASP E 172 -4.05 28.31 -18.32
C ASP E 172 -3.84 26.90 -18.90
N SER E 173 -4.78 26.01 -18.57
CA SER E 173 -4.61 24.59 -18.76
C SER E 173 -4.76 24.21 -20.22
N LYS E 174 -5.90 24.61 -20.78
CA LYS E 174 -6.17 24.37 -22.20
C LYS E 174 -5.22 25.20 -23.09
N ASP E 175 -5.40 26.53 -23.07
CA ASP E 175 -4.87 27.44 -24.10
C ASP E 175 -3.57 28.14 -23.73
N SER E 176 -3.01 27.78 -22.55
CA SER E 176 -1.72 28.31 -22.03
C SER E 176 -1.64 29.83 -21.82
N THR E 177 -2.78 30.48 -21.62
CA THR E 177 -2.76 31.93 -21.41
C THR E 177 -2.78 32.28 -19.91
N TYR E 178 -2.74 33.57 -19.65
CA TYR E 178 -2.86 34.16 -18.34
C TYR E 178 -4.10 35.04 -18.24
N SER E 179 -4.53 35.23 -16.99
CA SER E 179 -5.50 36.26 -16.61
C SER E 179 -5.02 37.07 -15.39
N LEU E 180 -5.46 38.31 -15.30
CA LEU E 180 -4.99 39.24 -14.27
C LEU E 180 -6.21 40.00 -13.75
N SER E 181 -6.18 40.26 -12.45
CA SER E 181 -7.19 41.07 -11.70
C SER E 181 -6.51 42.23 -10.98
N SER E 182 -6.99 43.44 -11.21
CA SER E 182 -6.42 44.61 -10.56
C SER E 182 -7.55 45.26 -9.81
N THR E 183 -7.32 45.49 -8.52
CA THR E 183 -8.28 46.13 -7.65
C THR E 183 -7.75 47.47 -7.16
N LEU E 184 -8.45 48.55 -7.52
CA LEU E 184 -8.25 49.85 -6.88
C LEU E 184 -9.18 49.92 -5.64
N THR E 185 -8.59 50.28 -4.51
CA THR E 185 -9.31 50.27 -3.25
C THR E 185 -9.34 51.69 -2.69
N LEU E 186 -10.56 52.17 -2.44
CA LEU E 186 -10.77 53.51 -1.93
C LEU E 186 -11.84 53.48 -0.83
N SER E 187 -11.76 54.44 0.09
CA SER E 187 -12.86 54.68 1.05
C SER E 187 -14.04 55.17 0.25
N LYS E 188 -15.26 55.01 0.78
CA LYS E 188 -16.49 55.49 0.13
C LYS E 188 -16.43 56.98 -0.20
N ALA E 189 -15.74 57.74 0.66
CA ALA E 189 -15.74 59.20 0.64
C ALA E 189 -14.88 59.79 -0.46
N ASP E 190 -13.77 59.10 -0.79
CA ASP E 190 -12.98 59.47 -1.95
C ASP E 190 -13.74 59.06 -3.20
N TYR E 191 -14.58 58.03 -3.08
CA TYR E 191 -15.26 57.47 -4.24
C TYR E 191 -16.37 58.37 -4.75
N GLU E 192 -17.24 58.76 -3.82
CA GLU E 192 -18.41 59.61 -4.09
C GLU E 192 -18.06 61.06 -4.55
N LYS E 193 -16.85 61.53 -4.27
CA LYS E 193 -16.38 62.79 -4.84
C LYS E 193 -16.33 62.66 -6.36
N HIS E 194 -15.65 61.63 -6.84
CA HIS E 194 -15.30 61.52 -8.27
C HIS E 194 -16.33 60.78 -9.17
N LYS E 195 -16.37 61.21 -10.43
CA LYS E 195 -17.33 60.64 -11.39
C LYS E 195 -16.70 59.56 -12.29
N VAL E 196 -15.54 59.87 -12.86
CA VAL E 196 -14.91 59.00 -13.86
C VAL E 196 -13.86 58.01 -13.31
N TYR E 197 -14.19 56.73 -13.35
CA TYR E 197 -13.25 55.67 -12.99
C TYR E 197 -12.78 54.85 -14.22
N ALA E 198 -11.48 54.95 -14.53
CA ALA E 198 -10.90 54.24 -15.68
C ALA E 198 -9.82 53.21 -15.35
N CYS E 199 -9.74 52.22 -16.22
CA CYS E 199 -8.75 51.15 -16.18
C CYS E 199 -8.18 51.06 -17.62
N GLU E 200 -6.97 51.61 -17.85
CA GLU E 200 -6.28 51.50 -19.14
C GLU E 200 -5.21 50.41 -19.13
N VAL E 201 -5.16 49.62 -20.19
CA VAL E 201 -4.44 48.37 -20.24
C VAL E 201 -3.47 48.37 -21.40
N THR E 202 -2.22 48.02 -21.13
CA THR E 202 -1.21 47.99 -22.17
C THR E 202 -0.72 46.56 -22.28
N HIS E 203 -0.57 46.08 -23.51
CA HIS E 203 -0.13 44.71 -23.75
C HIS E 203 0.46 44.47 -25.14
N GLN E 204 1.45 43.55 -25.23
CA GLN E 204 2.11 43.15 -26.50
C GLN E 204 1.03 42.89 -27.61
N GLY E 205 -0.13 42.34 -27.24
CA GLY E 205 -1.11 41.95 -28.22
C GLY E 205 -2.03 43.05 -28.76
N LEU E 206 -1.90 44.27 -28.24
CA LEU E 206 -2.79 45.34 -28.65
C LEU E 206 -1.99 46.44 -29.33
N SER E 207 -2.48 46.91 -30.47
CA SER E 207 -1.80 48.00 -31.23
C SER E 207 -1.77 49.34 -30.48
N SER E 208 -2.70 49.50 -29.53
CA SER E 208 -2.86 50.71 -28.72
C SER E 208 -3.73 50.44 -27.46
N PRO E 209 -3.48 51.18 -26.37
CA PRO E 209 -4.19 51.00 -25.11
C PRO E 209 -5.69 50.74 -25.18
N VAL E 210 -6.16 49.83 -24.34
CA VAL E 210 -7.58 49.57 -24.17
C VAL E 210 -8.04 50.07 -22.81
N THR E 211 -8.88 51.10 -22.86
CA THR E 211 -9.41 51.76 -21.68
C THR E 211 -10.85 51.29 -21.52
N LYS E 212 -11.16 50.77 -20.34
CA LYS E 212 -12.51 50.38 -20.00
C LYS E 212 -12.90 51.16 -18.74
N SER E 213 -13.98 51.93 -18.85
CA SER E 213 -14.40 52.88 -17.80
C SER E 213 -15.91 52.98 -17.63
N PHE E 214 -16.31 53.63 -16.54
CA PHE E 214 -17.71 53.92 -16.18
C PHE E 214 -17.87 55.26 -15.43
N ASN E 215 -19.12 55.75 -15.42
CA ASN E 215 -19.50 56.94 -14.66
C ASN E 215 -20.27 56.57 -13.40
N ARG E 216 -19.71 56.95 -12.25
CA ARG E 216 -20.36 56.76 -10.95
C ARG E 216 -21.68 57.56 -10.89
N GLU F 1 2.54 -0.04 0.23
CA GLU F 1 3.15 1.08 -0.53
C GLU F 1 3.75 2.10 0.48
N VAL F 2 4.72 2.90 0.06
CA VAL F 2 5.50 3.69 1.03
C VAL F 2 5.01 5.10 1.03
N LYS F 3 4.72 5.64 2.23
CA LYS F 3 3.99 6.90 2.43
C LYS F 3 4.47 7.64 3.69
N LEU F 4 4.43 8.96 3.60
CA LEU F 4 4.60 9.83 4.72
C LEU F 4 3.42 10.77 4.85
N VAL F 5 2.79 10.77 6.03
CA VAL F 5 1.63 11.68 6.26
C VAL F 5 1.87 12.64 7.42
N GLU F 6 1.96 13.93 7.13
CA GLU F 6 2.20 14.98 8.12
C GLU F 6 0.90 15.55 8.70
N SER F 7 0.98 15.99 9.95
CA SER F 7 -0.12 16.71 10.61
C SER F 7 0.46 17.63 11.70
N GLY F 8 -0.40 18.48 12.27
CA GLY F 8 -0.01 19.32 13.43
C GLY F 8 0.25 20.79 13.09
N GLY F 9 0.26 21.16 11.83
CA GLY F 9 0.46 22.56 11.51
C GLY F 9 -0.74 23.44 11.89
N GLY F 10 -0.50 24.75 11.96
CA GLY F 10 -1.58 25.73 12.00
C GLY F 10 -1.04 27.08 12.43
N LEU F 11 -1.94 27.87 13.00
CA LEU F 11 -1.66 29.22 13.29
C LEU F 11 -1.13 29.27 14.70
N VAL F 12 0.02 29.92 14.93
CA VAL F 12 0.66 29.96 16.26
C VAL F 12 1.38 31.29 16.51
N LYS F 13 1.45 31.71 17.79
CA LYS F 13 2.02 33.02 18.23
C LYS F 13 3.54 33.09 18.11
N PRO F 14 4.09 34.24 17.72
CA PRO F 14 5.53 34.41 17.84
C PRO F 14 5.97 34.07 19.27
N GLY F 15 7.23 33.64 19.44
CA GLY F 15 7.70 33.11 20.74
C GLY F 15 7.03 31.81 21.18
N GLY F 16 5.90 31.45 20.55
CA GLY F 16 5.13 30.26 20.93
C GLY F 16 5.79 28.97 20.48
N SER F 17 5.13 27.84 20.75
CA SER F 17 5.74 26.55 20.38
C SER F 17 4.79 25.50 19.72
N LEU F 18 5.32 24.54 18.96
CA LEU F 18 4.48 23.61 18.17
C LEU F 18 5.17 22.35 17.75
N LYS F 19 4.43 21.23 17.74
CA LYS F 19 4.98 19.95 17.31
C LYS F 19 4.32 19.43 16.03
N LEU F 20 5.10 19.20 14.98
CA LEU F 20 4.63 18.56 13.78
C LEU F 20 4.89 17.05 13.87
N SER F 21 4.02 16.29 13.22
CA SER F 21 4.12 14.82 13.18
C SER F 21 4.04 14.33 11.74
N CYS F 22 4.78 13.26 11.47
CA CYS F 22 4.92 12.67 10.16
C CYS F 22 4.91 11.14 10.35
N ALA F 23 3.78 10.52 10.00
CA ALA F 23 3.59 9.06 10.21
C ALA F 23 3.94 8.35 8.95
N ALA F 24 4.80 7.36 9.06
CA ALA F 24 5.30 6.66 7.90
C ALA F 24 4.49 5.41 7.83
N SER F 25 4.22 4.90 6.63
CA SER F 25 3.63 3.58 6.47
C SER F 25 4.39 2.81 5.42
N GLY F 26 4.34 1.51 5.54
CA GLY F 26 4.79 0.71 4.48
C GLY F 26 6.28 0.46 4.39
N PHE F 27 7.14 0.95 5.30
CA PHE F 27 8.57 0.72 5.18
C PHE F 27 9.24 0.56 6.53
N ALA F 28 10.51 0.14 6.51
CA ALA F 28 11.23 -0.14 7.76
C ALA F 28 11.79 1.15 8.29
N PHE F 29 10.90 1.96 8.81
CA PHE F 29 11.17 3.33 9.23
C PHE F 29 12.44 3.56 10.00
N SER F 30 12.71 2.73 10.98
CA SER F 30 13.81 2.98 11.85
C SER F 30 15.13 2.64 11.23
N THR F 31 15.17 2.20 10.01
CA THR F 31 16.42 1.96 9.39
C THR F 31 16.86 3.12 8.52
N TYR F 32 16.10 4.19 8.50
CA TYR F 32 16.41 5.31 7.61
C TYR F 32 16.72 6.60 8.31
N ASP F 33 17.66 7.35 7.81
CA ASP F 33 17.72 8.78 8.17
C ASP F 33 16.48 9.52 7.60
N MET F 34 15.96 10.49 8.35
CA MET F 34 14.69 11.15 8.03
C MET F 34 14.99 12.65 8.17
N SER F 35 14.31 13.50 7.41
CA SER F 35 14.48 14.94 7.56
C SER F 35 13.24 15.77 7.41
N TRP F 36 13.40 17.05 7.76
CA TRP F 36 12.39 18.05 7.58
C TRP F 36 12.99 19.12 6.66
N ILE F 37 12.20 19.57 5.72
CA ILE F 37 12.54 20.58 4.75
C ILE F 37 11.35 21.50 4.60
N ARG F 38 11.55 22.80 4.64
CA ARG F 38 10.42 23.70 4.57
C ARG F 38 10.49 24.49 3.25
N GLN F 39 9.37 25.02 2.83
CA GLN F 39 9.28 25.86 1.68
C GLN F 39 8.62 27.20 2.07
N THR F 40 9.29 28.30 1.78
CA THR F 40 8.93 29.66 2.25
C THR F 40 7.78 30.21 1.44
N PRO F 41 7.12 31.30 1.91
CA PRO F 41 6.07 31.87 1.02
C PRO F 41 6.60 32.23 -0.37
N GLU F 42 7.88 32.55 -0.47
CA GLU F 42 8.40 32.75 -1.83
C GLU F 42 8.94 31.47 -2.54
N LYS F 43 8.63 30.28 -1.99
CA LYS F 43 8.96 28.99 -2.71
C LYS F 43 10.43 28.65 -2.70
N ARG F 44 11.17 29.14 -1.71
CA ARG F 44 12.48 28.62 -1.55
C ARG F 44 12.42 27.35 -0.73
N LEU F 45 13.20 26.35 -1.12
CA LEU F 45 13.32 25.14 -0.28
C LEU F 45 14.48 25.32 0.63
N GLU F 46 14.32 24.92 1.91
CA GLU F 46 15.45 24.90 2.88
C GLU F 46 15.38 23.73 3.87
N TRP F 47 16.48 22.99 4.00
CA TRP F 47 16.67 21.92 4.94
C TRP F 47 16.57 22.47 6.37
N VAL F 48 15.76 21.83 7.18
CA VAL F 48 15.54 22.25 8.54
C VAL F 48 16.22 21.36 9.64
N ALA F 49 16.29 20.04 9.41
CA ALA F 49 16.73 19.11 10.43
C ALA F 49 16.91 17.72 9.80
N THR F 50 17.89 16.95 10.30
CA THR F 50 18.08 15.50 9.97
C THR F 50 18.36 14.73 11.21
N ILE F 51 17.78 13.52 11.28
CA ILE F 51 18.06 12.62 12.35
C ILE F 51 18.58 11.33 11.73
N SER F 52 19.65 10.78 12.31
CA SER F 52 20.19 9.45 11.96
C SER F 52 19.20 8.31 12.25
N SER F 53 19.42 7.17 11.62
CA SER F 53 18.49 6.07 11.70
C SER F 53 18.37 5.55 13.16
N GLY F 54 19.48 5.57 13.90
CA GLY F 54 19.54 5.16 15.32
C GLY F 54 19.12 6.20 16.36
N GLY F 55 18.82 7.42 15.90
CA GLY F 55 18.42 8.49 16.81
C GLY F 55 19.58 9.14 17.58
N SER F 56 20.81 8.66 17.41
CA SER F 56 21.93 9.18 18.22
C SER F 56 22.45 10.56 17.73
N TYR F 57 22.25 10.87 16.45
CA TYR F 57 22.82 12.05 15.80
C TYR F 57 21.74 12.96 15.15
N THR F 58 21.78 14.25 15.47
CA THR F 58 20.87 15.23 14.91
C THR F 58 21.62 16.43 14.34
N TYR F 59 21.10 16.96 13.24
CA TYR F 59 21.77 17.96 12.46
C TYR F 59 20.74 19.04 12.17
N TYR F 60 21.20 20.29 12.23
CA TYR F 60 20.35 21.47 12.07
C TYR F 60 21.22 22.52 11.48
N PRO F 61 20.62 23.41 10.66
CA PRO F 61 21.24 24.65 10.23
C PRO F 61 21.20 25.64 11.36
N ASP F 62 22.08 26.63 11.32
CA ASP F 62 22.18 27.60 12.43
C ASP F 62 20.94 28.45 12.53
N SER F 63 20.24 28.64 11.41
CA SER F 63 18.97 29.38 11.44
C SER F 63 17.99 28.80 12.44
N VAL F 64 18.26 27.56 12.85
CA VAL F 64 17.22 26.79 13.48
C VAL F 64 17.72 26.16 14.74
N LYS F 65 19.02 25.98 14.79
CA LYS F 65 19.68 25.36 15.93
C LYS F 65 19.22 26.00 17.22
N GLY F 66 18.86 25.18 18.19
CA GLY F 66 18.51 25.71 19.51
C GLY F 66 17.04 25.84 19.79
N ARG F 67 16.23 25.93 18.73
CA ARG F 67 14.79 26.14 18.89
C ARG F 67 14.01 24.96 18.32
N PHE F 68 14.52 24.33 17.28
CA PHE F 68 13.89 23.11 16.73
C PHE F 68 14.49 21.83 17.25
N THR F 69 13.65 20.86 17.58
CA THR F 69 14.15 19.54 17.97
C THR F 69 13.45 18.49 17.09
N ILE F 70 14.26 17.75 16.33
CA ILE F 70 13.77 16.64 15.50
C ILE F 70 13.94 15.32 16.27
N SER F 71 12.89 14.51 16.35
CA SER F 71 12.97 13.19 16.99
C SER F 71 12.15 12.11 16.21
N LYS F 72 12.35 10.85 16.59
CA LYS F 72 11.67 9.62 16.09
C LYS F 72 11.03 8.82 17.24
N ASP F 73 9.85 8.26 16.99
CA ASP F 73 9.27 7.28 17.88
C ASP F 73 9.19 6.03 17.00
N ASN F 74 10.14 5.12 17.19
CA ASN F 74 10.21 3.95 16.37
C ASN F 74 8.97 3.06 16.60
N ALA F 75 8.40 3.05 17.82
CA ALA F 75 7.22 2.17 17.99
C ALA F 75 6.08 2.56 17.03
N ARG F 76 5.89 3.86 16.87
CA ARG F 76 4.82 4.35 16.08
C ARG F 76 5.23 4.67 14.61
N ASN F 77 6.43 4.32 14.20
CA ASN F 77 6.96 4.75 12.90
C ASN F 77 6.66 6.21 12.58
N THR F 78 6.91 7.09 13.54
CA THR F 78 6.52 8.50 13.39
C THR F 78 7.68 9.44 13.62
N LEU F 79 7.78 10.45 12.75
CA LEU F 79 8.76 11.52 12.90
C LEU F 79 8.13 12.79 13.48
N TYR F 80 8.89 13.50 14.34
CA TYR F 80 8.39 14.70 14.92
C TYR F 80 9.33 15.83 14.70
N LEU F 81 8.72 17.03 14.69
CA LEU F 81 9.50 18.26 14.79
C LEU F 81 8.85 19.15 15.82
N GLN F 82 9.59 19.32 16.93
CA GLN F 82 9.23 20.26 18.00
C GLN F 82 9.85 21.59 17.67
N MET F 83 9.01 22.57 17.53
CA MET F 83 9.47 23.92 17.18
C MET F 83 9.22 24.79 18.38
N SER F 84 10.18 25.59 18.79
CA SER F 84 9.92 26.52 19.91
C SER F 84 10.50 27.87 19.60
N SER F 85 10.17 28.86 20.45
CA SER F 85 10.56 30.23 20.22
C SER F 85 10.32 30.59 18.75
N LEU F 86 9.08 30.43 18.26
CA LEU F 86 8.77 30.66 16.83
C LEU F 86 8.85 32.14 16.38
N ARG F 87 9.60 32.38 15.31
CA ARG F 87 9.72 33.70 14.67
C ARG F 87 8.85 33.75 13.36
N SER F 88 8.33 34.93 12.97
CA SER F 88 7.70 35.20 11.68
C SER F 88 8.43 34.50 10.52
N GLY F 89 9.75 34.67 10.45
CA GLY F 89 10.57 33.96 9.45
C GLY F 89 10.36 32.43 9.38
N ASP F 90 9.67 31.85 10.36
CA ASP F 90 9.43 30.41 10.40
C ASP F 90 8.13 30.01 9.66
N THR F 91 7.34 30.98 9.21
CA THR F 91 6.14 30.59 8.51
C THR F 91 6.54 30.00 7.16
N ALA F 92 6.09 28.75 6.95
CA ALA F 92 6.48 27.93 5.82
C ALA F 92 5.56 26.74 5.70
N LEU F 93 5.71 26.02 4.58
CA LEU F 93 5.13 24.68 4.39
C LEU F 93 6.24 23.69 4.78
N TYR F 94 5.93 22.73 5.66
CA TYR F 94 6.93 21.80 6.24
C TYR F 94 6.66 20.44 5.68
N TYR F 95 7.70 19.87 5.08
CA TYR F 95 7.68 18.57 4.55
C TYR F 95 8.59 17.66 5.40
N CYS F 96 8.20 16.40 5.59
CA CYS F 96 9.16 15.41 6.09
C CYS F 96 9.56 14.60 4.90
N THR F 97 10.74 14.02 4.97
CA THR F 97 11.21 13.32 3.83
C THR F 97 12.16 12.22 4.25
N ARG F 98 12.27 11.21 3.42
CA ARG F 98 13.18 10.06 3.73
C ARG F 98 14.48 10.24 3.00
N PHE F 99 15.58 10.17 3.71
CA PHE F 99 16.90 10.26 3.15
C PHE F 99 17.44 8.91 2.76
N ARG F 100 18.31 8.87 1.80
CA ARG F 100 18.89 7.63 1.30
C ARG F 100 20.38 7.72 1.13
N TYR F 101 21.13 6.91 1.84
CA TYR F 101 22.57 6.96 1.74
C TYR F 101 23.01 6.46 0.42
N ASP F 102 22.22 5.62 -0.18
CA ASP F 102 22.55 5.14 -1.48
C ASP F 102 22.32 6.20 -2.58
N GLY F 103 23.09 7.30 -2.52
CA GLY F 103 22.96 8.43 -3.48
C GLY F 103 22.83 9.74 -2.70
N TRP F 104 22.58 9.69 -1.39
CA TRP F 104 22.43 10.92 -0.61
C TRP F 104 21.27 11.82 -1.08
N TYR F 105 20.09 11.26 -1.33
CA TYR F 105 18.96 12.05 -1.82
C TYR F 105 17.67 11.76 -0.96
N PHE F 106 16.63 12.60 -1.15
CA PHE F 106 15.33 12.39 -0.56
C PHE F 106 14.35 11.70 -1.49
N ASP F 107 13.98 10.48 -1.16
CA ASP F 107 13.14 9.73 -2.05
C ASP F 107 11.64 9.76 -1.76
N VAL F 108 11.22 9.90 -0.52
CA VAL F 108 9.76 9.88 -0.21
C VAL F 108 9.51 11.23 0.51
N TRP F 109 8.44 11.94 0.17
CA TRP F 109 8.11 13.24 0.79
C TRP F 109 6.71 13.08 1.32
N GLY F 110 6.43 13.79 2.42
CA GLY F 110 5.09 14.04 2.94
C GLY F 110 4.32 15.01 2.01
N GLN F 111 3.04 15.22 2.32
CA GLN F 111 2.17 16.15 1.54
C GLN F 111 2.41 17.56 1.99
N GLY F 112 3.15 17.72 3.09
CA GLY F 112 3.32 19.06 3.71
C GLY F 112 2.26 19.46 4.72
N THR F 113 2.66 20.22 5.73
CA THR F 113 1.71 20.89 6.59
C THR F 113 2.23 22.34 6.84
N THR F 114 1.34 23.32 6.83
CA THR F 114 1.75 24.72 6.86
C THR F 114 1.73 25.26 8.30
N VAL F 115 2.76 26.01 8.65
CA VAL F 115 2.87 26.69 9.94
C VAL F 115 2.80 28.20 9.68
N THR F 116 1.85 28.84 10.32
CA THR F 116 1.71 30.30 10.19
C THR F 116 1.98 30.95 11.55
N VAL F 117 3.00 31.77 11.63
CA VAL F 117 3.43 32.39 12.90
C VAL F 117 2.91 33.83 12.97
N SER F 118 1.78 34.02 13.63
CA SER F 118 1.22 35.32 13.86
C SER F 118 0.39 35.22 15.17
N SER F 119 0.24 36.36 15.86
CA SER F 119 -0.64 36.51 17.02
C SER F 119 -2.05 36.94 16.65
N ALA F 120 -2.31 37.23 15.39
CA ALA F 120 -3.62 37.83 15.05
C ALA F 120 -4.70 36.78 15.08
N SER F 121 -5.91 37.24 15.31
CA SER F 121 -7.00 36.33 15.43
C SER F 121 -7.51 35.96 14.05
N THR F 122 -8.05 34.77 13.91
CA THR F 122 -8.70 34.37 12.69
C THR F 122 -9.83 35.27 12.30
N LYS F 123 -9.98 35.49 11.00
CA LYS F 123 -11.00 36.42 10.53
C LYS F 123 -11.55 35.94 9.20
N GLY F 124 -12.89 35.84 9.15
CA GLY F 124 -13.62 35.36 8.01
C GLY F 124 -13.77 36.43 6.96
N PRO F 125 -13.90 35.97 5.69
CA PRO F 125 -14.10 36.82 4.51
C PRO F 125 -15.50 37.43 4.40
N SER F 126 -15.53 38.71 4.02
CA SER F 126 -16.70 39.26 3.31
C SER F 126 -16.71 38.95 1.77
N VAL F 127 -17.89 38.71 1.23
CA VAL F 127 -18.06 38.35 -0.16
C VAL F 127 -18.96 39.37 -0.89
N PHE F 128 -18.40 40.05 -1.88
CA PHE F 128 -19.17 41.00 -2.68
C PHE F 128 -19.24 40.53 -4.14
N PRO F 129 -20.46 40.52 -4.71
CA PRO F 129 -20.66 40.19 -6.13
C PRO F 129 -19.88 41.10 -7.03
N LEU F 130 -19.43 40.55 -8.14
CA LEU F 130 -18.94 41.41 -9.21
C LEU F 130 -19.99 41.33 -10.34
N ALA F 131 -20.64 42.46 -10.63
CA ALA F 131 -21.82 42.46 -11.54
C ALA F 131 -21.46 42.36 -13.04
N PRO F 132 -22.23 41.56 -13.81
CA PRO F 132 -22.13 41.52 -15.29
C PRO F 132 -21.70 42.83 -15.96
N SER F 133 -20.65 42.73 -16.77
CA SER F 133 -20.03 43.80 -17.58
C SER F 133 -20.92 44.43 -18.66
N GLY F 140 -17.89 40.03 -27.26
CA GLY F 140 -19.33 39.69 -27.36
C GLY F 140 -19.83 38.89 -26.17
N THR F 141 -18.97 38.71 -25.17
CA THR F 141 -19.32 37.93 -23.97
C THR F 141 -19.36 38.81 -22.72
N ALA F 142 -19.94 38.28 -21.65
CA ALA F 142 -20.02 39.02 -20.38
C ALA F 142 -19.06 38.41 -19.33
N ALA F 143 -18.57 39.26 -18.42
CA ALA F 143 -17.77 38.77 -17.29
C ALA F 143 -18.52 39.05 -16.02
N LEU F 144 -18.48 38.12 -15.06
CA LEU F 144 -19.02 38.36 -13.70
C LEU F 144 -18.17 37.64 -12.61
N GLY F 145 -18.42 37.95 -11.34
CA GLY F 145 -17.58 37.40 -10.29
C GLY F 145 -17.90 37.65 -8.82
N CYS F 146 -16.88 37.39 -7.99
CA CYS F 146 -16.92 37.47 -6.54
C CYS F 146 -15.57 37.98 -6.00
N LEU F 147 -15.64 39.09 -5.27
CA LEU F 147 -14.54 39.62 -4.51
C LEU F 147 -14.65 39.03 -3.10
N VAL F 148 -13.63 38.23 -2.71
CA VAL F 148 -13.56 37.58 -1.39
C VAL F 148 -12.58 38.45 -0.54
N LYS F 149 -13.14 39.25 0.36
CA LYS F 149 -12.41 40.40 0.91
C LYS F 149 -12.13 40.24 2.42
N ASP F 150 -10.87 40.48 2.81
CA ASP F 150 -10.46 40.69 4.23
C ASP F 150 -10.52 39.46 5.10
N TYR F 151 -9.69 38.48 4.79
CA TYR F 151 -9.57 37.31 5.64
C TYR F 151 -8.14 36.99 6.06
N PHE F 152 -8.05 36.15 7.07
CA PHE F 152 -6.78 35.73 7.60
C PHE F 152 -6.98 34.52 8.45
N PRO F 153 -6.12 33.53 8.34
CA PRO F 153 -4.99 33.26 7.44
C PRO F 153 -5.53 32.62 6.14
N GLU F 154 -4.64 32.38 5.17
CA GLU F 154 -4.90 31.54 4.02
C GLU F 154 -5.10 30.12 4.55
N PRO F 155 -5.89 29.27 3.82
CA PRO F 155 -6.48 29.45 2.49
C PRO F 155 -8.01 29.70 2.46
N VAL F 156 -8.47 30.32 1.40
CA VAL F 156 -9.88 30.36 1.06
C VAL F 156 -10.07 29.50 -0.20
N THR F 157 -11.21 28.82 -0.33
CA THR F 157 -11.54 28.13 -1.59
C THR F 157 -12.81 28.73 -2.21
N VAL F 158 -12.80 28.79 -3.54
CA VAL F 158 -13.90 29.30 -4.31
C VAL F 158 -14.24 28.28 -5.37
N SER F 159 -15.54 28.04 -5.48
CA SER F 159 -16.11 27.24 -6.56
C SER F 159 -17.32 27.98 -7.04
N TRP F 160 -17.80 27.53 -8.20
CA TRP F 160 -18.97 28.11 -8.80
C TRP F 160 -20.01 27.06 -9.04
N ASN F 161 -21.26 27.45 -8.76
CA ASN F 161 -22.41 26.55 -8.90
C ASN F 161 -22.05 25.16 -8.39
N SER F 162 -21.55 25.13 -7.15
CA SER F 162 -21.05 23.93 -6.42
C SER F 162 -20.02 23.10 -7.17
N GLY F 163 -19.27 23.73 -8.09
CA GLY F 163 -18.33 23.03 -9.00
C GLY F 163 -19.02 22.34 -10.19
N ALA F 164 -20.28 22.69 -10.43
CA ALA F 164 -20.95 22.27 -11.67
C ALA F 164 -20.33 23.04 -12.84
N LEU F 165 -19.93 24.29 -12.56
CA LEU F 165 -19.35 25.20 -13.53
C LEU F 165 -17.86 25.48 -13.27
N THR F 166 -17.04 25.22 -14.29
CA THR F 166 -15.58 25.37 -14.22
C THR F 166 -14.95 26.05 -15.46
N SER F 167 -15.54 25.89 -16.64
CA SER F 167 -14.93 26.47 -17.84
C SER F 167 -14.88 28.00 -17.80
N GLY F 168 -13.70 28.55 -18.12
CA GLY F 168 -13.51 30.00 -18.10
C GLY F 168 -13.57 30.61 -16.70
N VAL F 169 -13.42 29.75 -15.69
CA VAL F 169 -13.20 30.24 -14.33
C VAL F 169 -11.72 30.38 -13.95
N HIS F 170 -11.43 31.58 -13.47
CA HIS F 170 -10.12 31.91 -12.96
C HIS F 170 -10.30 32.41 -11.53
N THR F 171 -9.76 31.65 -10.60
CA THR F 171 -9.66 32.03 -9.21
C THR F 171 -8.18 32.46 -8.96
N PHE F 172 -7.97 33.73 -8.70
CA PHE F 172 -6.67 34.34 -8.54
C PHE F 172 -5.93 34.06 -7.21
N PRO F 173 -4.60 34.14 -7.20
CA PRO F 173 -3.83 34.05 -5.90
C PRO F 173 -4.29 35.17 -4.98
N ALA F 174 -4.43 34.87 -3.71
CA ALA F 174 -4.76 35.90 -2.74
C ALA F 174 -3.64 36.93 -2.76
N VAL F 175 -3.97 38.20 -2.62
CA VAL F 175 -3.03 39.29 -2.35
C VAL F 175 -3.26 39.88 -0.95
N LEU F 176 -2.22 40.38 -0.28
CA LEU F 176 -2.38 41.10 1.02
C LEU F 176 -2.75 42.55 0.80
N GLN F 177 -3.76 43.03 1.50
CA GLN F 177 -3.87 44.49 1.53
C GLN F 177 -3.08 45.16 2.63
N SER F 178 -3.14 46.49 2.64
CA SER F 178 -2.50 47.33 3.62
C SER F 178 -2.95 47.02 5.04
N SER F 179 -4.17 46.53 5.20
CA SER F 179 -4.60 46.09 6.51
C SER F 179 -3.90 44.82 7.03
N GLY F 180 -3.16 44.13 6.17
CA GLY F 180 -2.57 42.85 6.59
C GLY F 180 -3.51 41.66 6.47
N LEU F 181 -4.71 41.87 5.93
CA LEU F 181 -5.57 40.75 5.62
C LEU F 181 -5.58 40.43 4.09
N TYR F 182 -6.00 39.22 3.78
CA TYR F 182 -5.95 38.73 2.43
C TYR F 182 -7.22 39.07 1.68
N SER F 183 -7.13 38.93 0.38
CA SER F 183 -8.25 39.19 -0.45
C SER F 183 -8.00 38.52 -1.76
N LEU F 184 -9.04 37.98 -2.37
CA LEU F 184 -8.90 37.32 -3.63
C LEU F 184 -10.17 37.38 -4.43
N SER F 185 -10.07 37.35 -5.74
CA SER F 185 -11.27 37.40 -6.55
C SER F 185 -11.40 36.12 -7.30
N SER F 186 -12.61 35.81 -7.70
CA SER F 186 -12.81 34.79 -8.69
C SER F 186 -13.78 35.27 -9.72
N VAL F 187 -13.48 34.92 -10.95
CA VAL F 187 -14.22 35.40 -12.09
C VAL F 187 -14.64 34.27 -12.99
N VAL F 188 -15.66 34.57 -13.79
CA VAL F 188 -16.01 33.80 -15.00
C VAL F 188 -16.64 34.61 -16.17
N THR F 189 -16.33 34.08 -17.35
CA THR F 189 -16.83 34.60 -18.59
C THR F 189 -17.95 33.70 -19.07
N VAL F 190 -19.08 34.33 -19.37
CA VAL F 190 -20.21 33.60 -19.97
C VAL F 190 -20.73 34.34 -21.20
N PRO F 191 -21.63 33.67 -21.97
CA PRO F 191 -22.30 34.33 -23.09
C PRO F 191 -23.30 35.29 -22.50
N SER F 192 -23.27 36.51 -23.01
CA SER F 192 -24.19 37.55 -22.54
C SER F 192 -25.65 37.05 -22.58
N SER F 193 -25.96 36.19 -23.56
CA SER F 193 -27.31 35.58 -23.76
C SER F 193 -27.88 34.84 -22.53
N SER F 194 -27.04 34.06 -21.85
CA SER F 194 -27.48 33.28 -20.68
C SER F 194 -27.46 34.08 -19.35
N LEU F 195 -27.39 35.42 -19.45
CA LEU F 195 -27.22 36.27 -18.27
C LEU F 195 -28.39 36.17 -17.28
N GLY F 196 -29.58 36.63 -17.67
CA GLY F 196 -30.75 36.53 -16.79
C GLY F 196 -31.13 35.09 -16.49
N THR F 197 -30.99 34.22 -17.51
CA THR F 197 -31.50 32.84 -17.49
C THR F 197 -30.84 31.88 -16.49
N GLN F 198 -29.53 31.65 -16.64
CA GLN F 198 -28.82 30.69 -15.78
C GLN F 198 -28.34 31.31 -14.44
N THR F 199 -28.32 30.52 -13.37
CA THR F 199 -27.97 31.05 -12.02
C THR F 199 -26.46 30.92 -11.60
N TYR F 200 -25.81 32.06 -11.33
CA TYR F 200 -24.38 32.06 -10.98
C TYR F 200 -24.13 32.44 -9.50
N ILE F 201 -23.76 31.42 -8.73
CA ILE F 201 -23.40 31.50 -7.29
C ILE F 201 -21.92 31.09 -6.99
N CYS F 202 -21.14 31.97 -6.35
CA CYS F 202 -19.79 31.58 -5.88
C CYS F 202 -19.85 31.01 -4.48
N ASN F 203 -19.13 29.92 -4.30
CA ASN F 203 -19.11 29.10 -3.11
C ASN F 203 -17.76 29.15 -2.38
N VAL F 204 -17.71 30.05 -1.39
CA VAL F 204 -16.50 30.47 -0.67
C VAL F 204 -16.41 29.79 0.70
N ASN F 205 -15.41 28.93 0.89
CA ASN F 205 -15.20 28.28 2.19
C ASN F 205 -13.83 28.59 2.84
N HIS F 206 -13.86 29.21 4.02
CA HIS F 206 -12.64 29.51 4.78
C HIS F 206 -12.51 28.64 6.05
N LYS F 207 -11.80 27.52 5.95
CA LYS F 207 -11.70 26.56 7.05
C LYS F 207 -11.14 27.15 8.37
N PRO F 208 -10.03 27.91 8.32
CA PRO F 208 -9.58 28.42 9.61
C PRO F 208 -10.67 29.14 10.45
N SER F 209 -11.76 29.59 9.83
CA SER F 209 -12.85 30.17 10.62
C SER F 209 -14.25 29.65 10.29
N ASN F 210 -14.40 28.34 10.08
CA ASN F 210 -15.75 27.74 9.95
C ASN F 210 -16.73 28.68 9.23
N THR F 211 -16.31 29.21 8.07
CA THR F 211 -17.17 30.05 7.24
C THR F 211 -17.54 29.28 5.98
N LYS F 212 -18.72 29.58 5.45
CA LYS F 212 -19.23 28.96 4.23
C LYS F 212 -20.32 29.86 3.67
N VAL F 213 -19.90 30.82 2.85
CA VAL F 213 -20.80 31.79 2.27
C VAL F 213 -21.07 31.37 0.84
N ASP F 214 -22.33 31.41 0.41
CA ASP F 214 -22.66 31.06 -0.98
C ASP F 214 -23.32 32.28 -1.67
N LYS F 215 -22.68 32.86 -2.69
CA LYS F 215 -23.18 34.15 -3.23
C LYS F 215 -23.81 34.13 -4.62
N ARG F 216 -25.05 34.57 -4.71
CA ARG F 216 -25.71 34.69 -5.97
C ARG F 216 -25.21 35.98 -6.66
N VAL F 217 -24.78 35.85 -7.91
CA VAL F 217 -24.39 37.03 -8.69
C VAL F 217 -25.44 37.32 -9.77
N GLU F 218 -25.99 38.52 -9.71
CA GLU F 218 -27.15 38.90 -10.50
C GLU F 218 -26.89 40.24 -11.21
N PRO F 219 -27.21 40.30 -12.51
CA PRO F 219 -27.12 41.53 -13.29
C PRO F 219 -27.60 42.77 -12.51
#